data_4AH1
# 
_entry.id   4AH1 
# 
_audit_conform.dict_name       mmcif_pdbx.dic 
_audit_conform.dict_version    5.383 
_audit_conform.dict_location   http://mmcif.pdb.org/dictionaries/ascii/mmcif_pdbx.dic 
# 
loop_
_database_2.database_id 
_database_2.database_code 
_database_2.pdbx_database_accession 
_database_2.pdbx_DOI 
PDB   4AH1         pdb_00004ah1 10.2210/pdb4ah1/pdb 
PDBE  EBI-49273    ?            ?                   
WWPDB D_1290049273 ?            ?                   
# 
loop_
_pdbx_database_related.db_name 
_pdbx_database_related.db_id 
_pdbx_database_related.content_type 
_pdbx_database_related.details 
PDB 4AH0 unspecified 'CRYSTAL STRUCTURE OF THE DB 985-D(CGCAAATTTGCG)2 COMPLEX AT 1.20 A RESOLUTION'  
PDB 4AGZ unspecified 'CRYSTAL STRUCTURE OF THE DB 985-D(CGCGAATTCGCG)2 COMPLEX AT 1.25 A RESOLUTION.' 
# 
_pdbx_database_status.status_code                     REL 
_pdbx_database_status.entry_id                        4AH1 
_pdbx_database_status.deposit_site                    PDBE 
_pdbx_database_status.process_site                    PDBE 
_pdbx_database_status.SG_entry                        . 
_pdbx_database_status.recvd_initial_deposition_date   2012-02-02 
_pdbx_database_status.pdb_format_compatible           Y 
_pdbx_database_status.status_code_sf                  REL 
_pdbx_database_status.status_code_mr                  ? 
_pdbx_database_status.status_code_cs                  ? 
_pdbx_database_status.methods_development_category    ? 
_pdbx_database_status.status_code_nmr_data            ? 
# 
loop_
_audit_author.name 
_audit_author.pdbx_ordinal 
'Munnur, D.G.'     1 
'Mitchell, E.P.'   2 
'Forsyth, V.T.'    3 
'Teixeira, S.C.M.' 4 
'Neidle, S.'       5 
# 
_citation.id                        primary 
_citation.title                     
'A Detailed Study of Water Network in the Minor Groove of D(Cgcgaattcgcg)2 and D(Cgcaaatttgcg)2 in Presence of Linear Groove Binders' 
_citation.journal_abbrev            'To be Published' 
_citation.journal_volume            ? 
_citation.page_first                ? 
_citation.page_last                 ? 
_citation.year                      ? 
_citation.journal_id_ASTM           ? 
_citation.country                   ? 
_citation.journal_id_ISSN           ? 
_citation.journal_id_CSD            0353 
_citation.book_publisher            ? 
_citation.pdbx_database_id_PubMed   ? 
_citation.pdbx_database_id_DOI      ? 
# 
loop_
_citation_author.citation_id 
_citation_author.name 
_citation_author.ordinal 
_citation_author.identifier_ORCID 
primary 'Munnur, D.G.'     1 ? 
primary 'Mitchell, E.P.'   2 ? 
primary 'Forsyth, V.T.'    3 ? 
primary 'Teixeira, S.C.M.' 4 ? 
primary 'Neidle, S.'       5 ? 
# 
_cell.entry_id           4AH1 
_cell.length_a           23.622 
_cell.length_b           38.881 
_cell.length_c           62.660 
_cell.angle_alpha        90.00 
_cell.angle_beta         90.00 
_cell.angle_gamma        90.00 
_cell.Z_PDB              8 
_cell.pdbx_unique_axis   ? 
# 
_symmetry.entry_id                         4AH1 
_symmetry.space_group_name_H-M             'P 21 21 21' 
_symmetry.pdbx_full_space_group_name_H-M   ? 
_symmetry.cell_setting                     ? 
_symmetry.Int_Tables_number                19 
# 
loop_
_entity.id 
_entity.type 
_entity.src_method 
_entity.pdbx_description 
_entity.formula_weight 
_entity.pdbx_number_of_molecules 
_entity.pdbx_ec 
_entity.pdbx_mutation 
_entity.pdbx_fragment 
_entity.details 
1 polymer     syn "5'-D(*CP*GP*CP*AP*AP*AP*TP*TP*TP*GP*CP*GP)-3'"          3662.404 2   ? ? ? ? 
2 non-polymer syn "2-(4'-AMIDINOBIPHENYL-4-YL)-1H-BENZIMIDAZOLE-5-AMIDINE" 354.408  1   ? ? ? ? 
3 non-polymer syn 'MAGNESIUM ION'                                          24.305   1   ? ? ? ? 
4 water       nat water                                                    18.015   109 ? ? ? ? 
# 
_entity_poly.entity_id                      1 
_entity_poly.type                           polydeoxyribonucleotide 
_entity_poly.nstd_linkage                   no 
_entity_poly.nstd_monomer                   no 
_entity_poly.pdbx_seq_one_letter_code       '(DC)(DG)(DC)(DA)(DA)(DA)(DT)(DT)(DT)(DG)(DC)(DG)' 
_entity_poly.pdbx_seq_one_letter_code_can   CGCAAATTTGCG 
_entity_poly.pdbx_strand_id                 A,B 
_entity_poly.pdbx_target_identifier         ? 
# 
loop_
_entity_poly_seq.entity_id 
_entity_poly_seq.num 
_entity_poly_seq.mon_id 
_entity_poly_seq.hetero 
1 1  DC n 
1 2  DG n 
1 3  DC n 
1 4  DA n 
1 5  DA n 
1 6  DA n 
1 7  DT n 
1 8  DT n 
1 9  DT n 
1 10 DG n 
1 11 DC n 
1 12 DG n 
# 
_pdbx_entity_src_syn.entity_id              1 
_pdbx_entity_src_syn.pdbx_src_id            1 
_pdbx_entity_src_syn.pdbx_alt_source_flag   sample 
_pdbx_entity_src_syn.pdbx_beg_seq_num       ? 
_pdbx_entity_src_syn.pdbx_end_seq_num       ? 
_pdbx_entity_src_syn.organism_scientific    'SYNTHETIC CONSTRUCT' 
_pdbx_entity_src_syn.organism_common_name   ? 
_pdbx_entity_src_syn.ncbi_taxonomy_id       32630 
_pdbx_entity_src_syn.details                ? 
# 
_struct_ref.id                         1 
_struct_ref.db_name                    PDB 
_struct_ref.db_code                    4AH1 
_struct_ref.entity_id                  1 
_struct_ref.pdbx_seq_one_letter_code   ? 
_struct_ref.pdbx_align_begin           ? 
_struct_ref.pdbx_db_accession          4AH1 
_struct_ref.pdbx_db_isoform            ? 
# 
loop_
_struct_ref_seq.align_id 
_struct_ref_seq.ref_id 
_struct_ref_seq.pdbx_PDB_id_code 
_struct_ref_seq.pdbx_strand_id 
_struct_ref_seq.seq_align_beg 
_struct_ref_seq.pdbx_seq_align_beg_ins_code 
_struct_ref_seq.seq_align_end 
_struct_ref_seq.pdbx_seq_align_end_ins_code 
_struct_ref_seq.pdbx_db_accession 
_struct_ref_seq.db_align_beg 
_struct_ref_seq.pdbx_db_align_beg_ins_code 
_struct_ref_seq.db_align_end 
_struct_ref_seq.pdbx_db_align_end_ins_code 
_struct_ref_seq.pdbx_auth_seq_align_beg 
_struct_ref_seq.pdbx_auth_seq_align_end 
1 1 4AH1 A 1 ? 12 ? 4AH1 1  ? 12 ? 1  12 
2 1 4AH1 B 1 ? 12 ? 4AH1 13 ? 24 ? 13 24 
# 
loop_
_chem_comp.id 
_chem_comp.type 
_chem_comp.mon_nstd_flag 
_chem_comp.name 
_chem_comp.pdbx_synonyms 
_chem_comp.formula 
_chem_comp.formula_weight 
D2A non-polymer   . "2-(4'-AMIDINOBIPHENYL-4-YL)-1H-BENZIMIDAZOLE-5-AMIDINE" DB921 'C21 H18 N6'      354.408 
DA  'DNA linking' y "2'-DEOXYADENOSINE-5'-MONOPHOSPHATE"                     ?     'C10 H14 N5 O6 P' 331.222 
DC  'DNA linking' y "2'-DEOXYCYTIDINE-5'-MONOPHOSPHATE"                      ?     'C9 H14 N3 O7 P'  307.197 
DG  'DNA linking' y "2'-DEOXYGUANOSINE-5'-MONOPHOSPHATE"                     ?     'C10 H14 N5 O7 P' 347.221 
DT  'DNA linking' y "THYMIDINE-5'-MONOPHOSPHATE"                             ?     'C10 H15 N2 O8 P' 322.208 
HOH non-polymer   . WATER                                                    ?     'H2 O'            18.015  
MG  non-polymer   . 'MAGNESIUM ION'                                          ?     'Mg 2'            24.305  
# 
_exptl.entry_id          4AH1 
_exptl.method            'X-RAY DIFFRACTION' 
_exptl.crystals_number   1 
# 
_exptl_crystal.id                    1 
_exptl_crystal.density_meas          ? 
_exptl_crystal.density_Matthews      1.97 
_exptl_crystal.density_percent_sol   57.91 
_exptl_crystal.description           NONE 
_exptl_crystal.preparation           ? 
# 
_exptl_crystal_grow.crystal_id      1 
_exptl_crystal_grow.method          'VAPOR DIFFUSION, SITTING DROP' 
_exptl_crystal_grow.temp            285 
_exptl_crystal_grow.temp_details    ? 
_exptl_crystal_grow.pH              6.5 
_exptl_crystal_grow.pdbx_pH_range   ? 
_exptl_crystal_grow.pdbx_details    
'MAGNESIUM CHLORIDE, DNA, DB921, MPD, SPERMINE TETRAHYDROCHLORIDE, VAPOUR DIFFUSION, SITTING DROP, TEMPERATURE 285 K, PH 6.50' 
# 
_diffrn.id                               1 
_diffrn.ambient_temp                     100 
_diffrn.ambient_temp_details             ? 
_diffrn.crystal_id                       1 
_diffrn.pdbx_serial_crystal_experiment   ? 
# 
_diffrn_detector.diffrn_id              1 
_diffrn_detector.detector               CCD 
_diffrn_detector.type                   'MARMOSAIC 225 mm CCD' 
_diffrn_detector.pdbx_collection_date   2009-07-19 
_diffrn_detector.details                'TOROIDAL MIRROR' 
# 
_diffrn_radiation.diffrn_id                        1 
_diffrn_radiation.wavelength_id                    1 
_diffrn_radiation.pdbx_monochromatic_or_laue_m_l   M 
_diffrn_radiation.monochromator                    'SI (111)' 
_diffrn_radiation.pdbx_diffrn_protocol             'SINGLE WAVELENGTH' 
_diffrn_radiation.pdbx_scattering_type             x-ray 
# 
_diffrn_radiation_wavelength.id           1 
_diffrn_radiation_wavelength.wavelength   0.873 
_diffrn_radiation_wavelength.wt           1.0 
# 
_diffrn_source.diffrn_id                   1 
_diffrn_source.source                      SYNCHROTRON 
_diffrn_source.type                        'ESRF BEAMLINE ID23-2' 
_diffrn_source.pdbx_synchrotron_site       ESRF 
_diffrn_source.pdbx_synchrotron_beamline   ID23-2 
_diffrn_source.pdbx_wavelength             0.873 
_diffrn_source.pdbx_wavelength_list        ? 
# 
_reflns.pdbx_diffrn_id               1 
_reflns.pdbx_ordinal                 1 
_reflns.entry_id                     4AH1 
_reflns.observed_criterion_sigma_I   0.0 
_reflns.observed_criterion_sigma_F   ? 
_reflns.d_resolution_low             38.88 
_reflns.d_resolution_high            1.42 
_reflns.number_obs                   11003 
_reflns.number_all                   ? 
_reflns.percent_possible_obs         96.6 
_reflns.pdbx_Rmerge_I_obs            0.05 
_reflns.pdbx_Rsym_value              ? 
_reflns.pdbx_netI_over_sigmaI        13.80 
_reflns.B_iso_Wilson_estimate        0 
_reflns.pdbx_redundancy              4.40 
# 
_reflns_shell.pdbx_diffrn_id         1 
_reflns_shell.pdbx_ordinal           1 
_reflns_shell.d_res_high             1.42 
_reflns_shell.d_res_low              1.50 
_reflns_shell.percent_possible_all   98.2 
_reflns_shell.Rmerge_I_obs           0.47 
_reflns_shell.pdbx_Rsym_value        ? 
_reflns_shell.meanI_over_sigI_obs    2.80 
_reflns_shell.pdbx_redundancy        4.4 
# 
_refine.pdbx_refine_id                           'X-RAY DIFFRACTION' 
_refine.entry_id                                 4AH1 
_refine.pdbx_diffrn_id                           1 
_refine.pdbx_TLS_residual_ADP_flag               ? 
_refine.ls_number_reflns_obs                     10451 
_refine.ls_number_reflns_all                     ? 
_refine.pdbx_ls_sigma_I                          ? 
_refine.pdbx_ls_sigma_F                          . 
_refine.pdbx_data_cutoff_high_absF               ? 
_refine.pdbx_data_cutoff_low_absF                ? 
_refine.pdbx_data_cutoff_high_rms_absF           ? 
_refine.ls_d_res_low                             33.04 
_refine.ls_d_res_high                            1.42 
_refine.ls_percent_reflns_obs                    95.88 
_refine.ls_R_factor_obs                          0.18718 
_refine.ls_R_factor_all                          ? 
_refine.ls_R_factor_R_work                       0.18410 
_refine.ls_R_factor_R_free                       0.25036 
_refine.ls_R_factor_R_free_error                 ? 
_refine.ls_R_factor_R_free_error_details         ? 
_refine.ls_percent_reflns_R_free                 4.7 
_refine.ls_number_reflns_R_free                  520 
_refine.ls_number_parameters                     ? 
_refine.ls_number_restraints                     ? 
_refine.occupancy_min                            ? 
_refine.occupancy_max                            ? 
_refine.correlation_coeff_Fo_to_Fc               0.972 
_refine.correlation_coeff_Fo_to_Fc_free          0.949 
_refine.B_iso_mean                               16.275 
_refine.aniso_B[1][1]                            -0.02 
_refine.aniso_B[2][2]                            -0.05 
_refine.aniso_B[3][3]                            0.07 
_refine.aniso_B[1][2]                            0.00 
_refine.aniso_B[1][3]                            0.00 
_refine.aniso_B[2][3]                            0.00 
_refine.solvent_model_details                    'BABINET MODEL WITH MASK' 
_refine.solvent_model_param_ksol                 ? 
_refine.solvent_model_param_bsol                 ? 
_refine.pdbx_solvent_vdw_probe_radii             1.40 
_refine.pdbx_solvent_ion_probe_radii             0.80 
_refine.pdbx_solvent_shrinkage_radii             0.80 
_refine.pdbx_ls_cross_valid_method               THROUGHOUT 
_refine.details                                  'HYDROGENS HAVE BEEN ADDED IN THE RIDING POSITIONS. U VALUES REFINED INDIVIDUALLY' 
_refine.pdbx_starting_model                      'PDB ENTRY 1S2R' 
_refine.pdbx_method_to_determine_struct          'MOLECULAR REPLACEMENT' 
_refine.pdbx_isotropic_thermal_model             ? 
_refine.pdbx_stereochemistry_target_values       'MAXIMUM LIKELIHOOD' 
_refine.pdbx_stereochem_target_val_spec_case     ? 
_refine.pdbx_R_Free_selection_details            RANDOM 
_refine.pdbx_overall_ESU_R                       0.076 
_refine.pdbx_overall_ESU_R_Free                  0.090 
_refine.overall_SU_ML                            0.064 
_refine.pdbx_overall_phase_error                 ? 
_refine.overall_SU_B                             1.641 
_refine.overall_SU_R_Cruickshank_DPI             ? 
_refine.pdbx_overall_SU_R_free_Cruickshank_DPI   ? 
_refine.pdbx_overall_SU_R_Blow_DPI               ? 
_refine.pdbx_overall_SU_R_free_Blow_DPI          ? 
# 
_refine_hist.pdbx_refine_id                   'X-RAY DIFFRACTION' 
_refine_hist.cycle_id                         LAST 
_refine_hist.pdbx_number_atoms_protein        0 
_refine_hist.pdbx_number_atoms_nucleic_acid   486 
_refine_hist.pdbx_number_atoms_ligand         28 
_refine_hist.number_atoms_solvent             109 
_refine_hist.number_atoms_total               623 
_refine_hist.d_res_high                       1.42 
_refine_hist.d_res_low                        33.04 
# 
loop_
_refine_ls_restr.type 
_refine_ls_restr.dev_ideal 
_refine_ls_restr.dev_ideal_target 
_refine_ls_restr.weight 
_refine_ls_restr.number 
_refine_ls_restr.pdbx_refine_id 
_refine_ls_restr.pdbx_restraint_function 
r_bond_refined_d             0.025 0.021 ? 574 'X-RAY DIFFRACTION' ? 
r_bond_other_d               0.014 0.020 ? 238 'X-RAY DIFFRACTION' ? 
r_angle_refined_deg          3.408 2.986 ? 879 'X-RAY DIFFRACTION' ? 
r_angle_other_deg            1.448 3.030 ? 579 'X-RAY DIFFRACTION' ? 
r_dihedral_angle_1_deg       ?     ?     ? ?   'X-RAY DIFFRACTION' ? 
r_dihedral_angle_2_deg       ?     ?     ? ?   'X-RAY DIFFRACTION' ? 
r_dihedral_angle_3_deg       ?     ?     ? ?   'X-RAY DIFFRACTION' ? 
r_dihedral_angle_4_deg       ?     ?     ? ?   'X-RAY DIFFRACTION' ? 
r_chiral_restr               0.142 0.200 ? 94  'X-RAY DIFFRACTION' ? 
r_gen_planes_refined         0.031 0.020 ? 287 'X-RAY DIFFRACTION' ? 
r_gen_planes_other           0.001 0.021 ? 57  'X-RAY DIFFRACTION' ? 
r_nbd_refined                ?     ?     ? ?   'X-RAY DIFFRACTION' ? 
r_nbd_other                  ?     ?     ? ?   'X-RAY DIFFRACTION' ? 
r_nbtor_refined              ?     ?     ? ?   'X-RAY DIFFRACTION' ? 
r_nbtor_other                ?     ?     ? ?   'X-RAY DIFFRACTION' ? 
r_xyhbond_nbd_refined        ?     ?     ? ?   'X-RAY DIFFRACTION' ? 
r_xyhbond_nbd_other          ?     ?     ? ?   'X-RAY DIFFRACTION' ? 
r_metal_ion_refined          ?     ?     ? ?   'X-RAY DIFFRACTION' ? 
r_metal_ion_other            ?     ?     ? ?   'X-RAY DIFFRACTION' ? 
r_symmetry_vdw_refined       ?     ?     ? ?   'X-RAY DIFFRACTION' ? 
r_symmetry_vdw_other         ?     ?     ? ?   'X-RAY DIFFRACTION' ? 
r_symmetry_hbond_refined     ?     ?     ? ?   'X-RAY DIFFRACTION' ? 
r_symmetry_hbond_other       ?     ?     ? ?   'X-RAY DIFFRACTION' ? 
r_symmetry_metal_ion_refined ?     ?     ? ?   'X-RAY DIFFRACTION' ? 
r_symmetry_metal_ion_other   ?     ?     ? ?   'X-RAY DIFFRACTION' ? 
r_mcbond_it                  ?     ?     ? ?   'X-RAY DIFFRACTION' ? 
r_mcbond_other               ?     ?     ? ?   'X-RAY DIFFRACTION' ? 
r_mcangle_it                 ?     ?     ? ?   'X-RAY DIFFRACTION' ? 
r_mcangle_other              ?     ?     ? ?   'X-RAY DIFFRACTION' ? 
r_scbond_it                  2.381 3.000 ? 574 'X-RAY DIFFRACTION' ? 
r_scbond_other               ?     ?     ? ?   'X-RAY DIFFRACTION' ? 
r_scangle_it                 3.283 4.500 ? 879 'X-RAY DIFFRACTION' ? 
r_scangle_other              ?     ?     ? ?   'X-RAY DIFFRACTION' ? 
r_long_range_B_refined       ?     ?     ? ?   'X-RAY DIFFRACTION' ? 
r_long_range_B_other         ?     ?     ? ?   'X-RAY DIFFRACTION' ? 
r_rigid_bond_restr           ?     ?     ? ?   'X-RAY DIFFRACTION' ? 
r_sphericity_free            ?     ?     ? ?   'X-RAY DIFFRACTION' ? 
r_sphericity_bonded          ?     ?     ? ?   'X-RAY DIFFRACTION' ? 
# 
_refine_ls_shell.pdbx_refine_id                   'X-RAY DIFFRACTION' 
_refine_ls_shell.pdbx_total_number_of_bins_used   20 
_refine_ls_shell.d_res_high                       1.420 
_refine_ls_shell.d_res_low                        1.457 
_refine_ls_shell.number_reflns_R_work             784 
_refine_ls_shell.R_factor_R_work                  0.272 
_refine_ls_shell.percent_reflns_obs               98.80 
_refine_ls_shell.R_factor_R_free                  0.359 
_refine_ls_shell.R_factor_R_free_error            ? 
_refine_ls_shell.percent_reflns_R_free            ? 
_refine_ls_shell.number_reflns_R_free             37 
_refine_ls_shell.number_reflns_all                ? 
_refine_ls_shell.R_factor_all                     ? 
# 
_struct.entry_id                  4AH1 
_struct.title                     'CRYSTAL STRUCTURE OF THE DB 921-D(CGCAAATTTGCG)2 COMPLEX AT 1.42 A RESOLUTION' 
_struct.pdbx_model_details        ? 
_struct.pdbx_CASP_flag            ? 
_struct.pdbx_model_type_details   ? 
# 
_struct_keywords.entry_id        4AH1 
_struct_keywords.pdbx_keywords   DNA 
_struct_keywords.text            'DNA, DNA DOUBLE HELIX, MINOR GROOVE, DODECAMER, A3T3, DNA-DRUG COMPLEX, DNA HYDRATION' 
# 
loop_
_struct_asym.id 
_struct_asym.pdbx_blank_PDB_chainid_flag 
_struct_asym.pdbx_modified 
_struct_asym.entity_id 
_struct_asym.details 
A N N 1 ? 
B N N 1 ? 
C N N 2 ? 
D N N 3 ? 
E N N 4 ? 
F N N 4 ? 
# 
loop_
_struct_conn.id 
_struct_conn.conn_type_id 
_struct_conn.pdbx_leaving_atom_flag 
_struct_conn.pdbx_PDB_id 
_struct_conn.ptnr1_label_asym_id 
_struct_conn.ptnr1_label_comp_id 
_struct_conn.ptnr1_label_seq_id 
_struct_conn.ptnr1_label_atom_id 
_struct_conn.pdbx_ptnr1_label_alt_id 
_struct_conn.pdbx_ptnr1_PDB_ins_code 
_struct_conn.pdbx_ptnr1_standard_comp_id 
_struct_conn.ptnr1_symmetry 
_struct_conn.ptnr2_label_asym_id 
_struct_conn.ptnr2_label_comp_id 
_struct_conn.ptnr2_label_seq_id 
_struct_conn.ptnr2_label_atom_id 
_struct_conn.pdbx_ptnr2_label_alt_id 
_struct_conn.pdbx_ptnr2_PDB_ins_code 
_struct_conn.ptnr1_auth_asym_id 
_struct_conn.ptnr1_auth_comp_id 
_struct_conn.ptnr1_auth_seq_id 
_struct_conn.ptnr2_auth_asym_id 
_struct_conn.ptnr2_auth_comp_id 
_struct_conn.ptnr2_auth_seq_id 
_struct_conn.ptnr2_symmetry 
_struct_conn.pdbx_ptnr3_label_atom_id 
_struct_conn.pdbx_ptnr3_label_seq_id 
_struct_conn.pdbx_ptnr3_label_comp_id 
_struct_conn.pdbx_ptnr3_label_asym_id 
_struct_conn.pdbx_ptnr3_label_alt_id 
_struct_conn.pdbx_ptnr3_PDB_ins_code 
_struct_conn.details 
_struct_conn.pdbx_dist_value 
_struct_conn.pdbx_value_order 
_struct_conn.pdbx_role 
metalc1  metalc ? ? E HOH .  O  ? ? ? 1_555 D MG  .  MG ? ? A HOH 2054 B MG  2000 1_555 ? ? ? ? ? ? ?            2.075 ? ? 
metalc2  metalc ? ? E HOH .  O  ? ? ? 1_555 D MG  .  MG ? ? A HOH 2055 B MG  2000 1_555 ? ? ? ? ? ? ?            2.074 ? ? 
metalc3  metalc ? ? D MG  .  MG ? ? ? 1_555 F HOH .  O  ? ? B MG  2000 B HOH 2014 1_555 ? ? ? ? ? ? ?            1.995 ? ? 
metalc4  metalc ? ? D MG  .  MG ? ? ? 1_555 F HOH .  O  ? ? B MG  2000 B HOH 2047 1_555 ? ? ? ? ? ? ?            2.172 ? ? 
metalc5  metalc ? ? D MG  .  MG ? ? ? 1_555 F HOH .  O  ? ? B MG  2000 B HOH 2048 1_555 ? ? ? ? ? ? ?            2.117 ? ? 
metalc6  metalc ? ? D MG  .  MG ? ? ? 1_555 F HOH .  O  ? ? B MG  2000 B HOH 2049 1_555 ? ? ? ? ? ? ?            2.082 ? ? 
hydrog1  hydrog ? ? A DC  1  N3 ? ? ? 1_555 B DG  12 N1 ? ? A DC  1    B DG  24   1_555 ? ? ? ? ? ? WATSON-CRICK ?     ? ? 
hydrog2  hydrog ? ? A DC  1  N4 ? ? ? 1_555 B DG  12 O6 ? ? A DC  1    B DG  24   1_555 ? ? ? ? ? ? WATSON-CRICK ?     ? ? 
hydrog3  hydrog ? ? A DC  1  O2 ? ? ? 1_555 B DG  12 N2 ? ? A DC  1    B DG  24   1_555 ? ? ? ? ? ? WATSON-CRICK ?     ? ? 
hydrog4  hydrog ? ? A DG  2  N1 ? ? ? 1_555 B DC  11 N3 ? ? A DG  2    B DC  23   1_555 ? ? ? ? ? ? WATSON-CRICK ?     ? ? 
hydrog5  hydrog ? ? A DG  2  N2 ? ? ? 1_555 B DC  11 O2 ? ? A DG  2    B DC  23   1_555 ? ? ? ? ? ? WATSON-CRICK ?     ? ? 
hydrog6  hydrog ? ? A DG  2  O6 ? ? ? 1_555 B DC  11 N4 ? ? A DG  2    B DC  23   1_555 ? ? ? ? ? ? WATSON-CRICK ?     ? ? 
hydrog7  hydrog ? ? A DC  3  N3 ? ? ? 1_555 B DG  10 N1 ? ? A DC  3    B DG  22   1_555 ? ? ? ? ? ? WATSON-CRICK ?     ? ? 
hydrog8  hydrog ? ? A DC  3  N4 ? ? ? 1_555 B DG  10 O6 ? ? A DC  3    B DG  22   1_555 ? ? ? ? ? ? WATSON-CRICK ?     ? ? 
hydrog9  hydrog ? ? A DC  3  O2 ? ? ? 1_555 B DG  10 N2 ? ? A DC  3    B DG  22   1_555 ? ? ? ? ? ? WATSON-CRICK ?     ? ? 
hydrog10 hydrog ? ? A DA  4  N1 ? ? ? 1_555 B DT  9  N3 ? ? A DA  4    B DT  21   1_555 ? ? ? ? ? ? WATSON-CRICK ?     ? ? 
hydrog11 hydrog ? ? A DA  4  N6 ? ? ? 1_555 B DT  9  O4 ? ? A DA  4    B DT  21   1_555 ? ? ? ? ? ? WATSON-CRICK ?     ? ? 
hydrog12 hydrog ? ? A DA  5  N1 ? ? ? 1_555 B DT  8  N3 ? ? A DA  5    B DT  20   1_555 ? ? ? ? ? ? WATSON-CRICK ?     ? ? 
hydrog13 hydrog ? ? A DA  5  N6 ? ? ? 1_555 B DT  8  O4 ? ? A DA  5    B DT  20   1_555 ? ? ? ? ? ? WATSON-CRICK ?     ? ? 
hydrog14 hydrog ? ? A DA  6  N1 ? ? ? 1_555 B DT  7  N3 ? ? A DA  6    B DT  19   1_555 ? ? ? ? ? ? WATSON-CRICK ?     ? ? 
hydrog15 hydrog ? ? A DA  6  N6 ? ? ? 1_555 B DT  7  O4 ? ? A DA  6    B DT  19   1_555 ? ? ? ? ? ? WATSON-CRICK ?     ? ? 
hydrog16 hydrog ? ? A DT  7  N3 ? ? ? 1_555 B DA  6  N1 ? ? A DT  7    B DA  18   1_555 ? ? ? ? ? ? WATSON-CRICK ?     ? ? 
hydrog17 hydrog ? ? A DT  7  O4 ? ? ? 1_555 B DA  6  N6 ? ? A DT  7    B DA  18   1_555 ? ? ? ? ? ? WATSON-CRICK ?     ? ? 
hydrog18 hydrog ? ? A DT  8  N3 ? ? ? 1_555 B DA  5  N1 ? ? A DT  8    B DA  17   1_555 ? ? ? ? ? ? WATSON-CRICK ?     ? ? 
hydrog19 hydrog ? ? A DT  8  O4 ? ? ? 1_555 B DA  5  N6 ? ? A DT  8    B DA  17   1_555 ? ? ? ? ? ? WATSON-CRICK ?     ? ? 
hydrog20 hydrog ? ? A DT  9  N3 ? ? ? 1_555 B DA  4  N1 ? ? A DT  9    B DA  16   1_555 ? ? ? ? ? ? WATSON-CRICK ?     ? ? 
hydrog21 hydrog ? ? A DT  9  O4 ? ? ? 1_555 B DA  4  N6 ? ? A DT  9    B DA  16   1_555 ? ? ? ? ? ? WATSON-CRICK ?     ? ? 
hydrog22 hydrog ? ? A DG  10 N1 ? ? ? 1_555 B DC  3  N3 ? ? A DG  10   B DC  15   1_555 ? ? ? ? ? ? WATSON-CRICK ?     ? ? 
hydrog23 hydrog ? ? A DG  10 N2 ? ? ? 1_555 B DC  3  O2 ? ? A DG  10   B DC  15   1_555 ? ? ? ? ? ? WATSON-CRICK ?     ? ? 
hydrog24 hydrog ? ? A DG  10 O6 ? ? ? 1_555 B DC  3  N4 ? ? A DG  10   B DC  15   1_555 ? ? ? ? ? ? WATSON-CRICK ?     ? ? 
hydrog25 hydrog ? ? A DC  11 N3 ? ? ? 1_555 B DG  2  N1 ? ? A DC  11   B DG  14   1_555 ? ? ? ? ? ? WATSON-CRICK ?     ? ? 
hydrog26 hydrog ? ? A DC  11 N4 ? ? ? 1_555 B DG  2  O6 ? ? A DC  11   B DG  14   1_555 ? ? ? ? ? ? WATSON-CRICK ?     ? ? 
hydrog27 hydrog ? ? A DC  11 O2 ? ? ? 1_555 B DG  2  N2 ? ? A DC  11   B DG  14   1_555 ? ? ? ? ? ? WATSON-CRICK ?     ? ? 
hydrog28 hydrog ? ? A DG  12 N1 ? ? ? 1_555 B DC  1  N3 ? ? A DG  12   B DC  13   1_555 ? ? ? ? ? ? WATSON-CRICK ?     ? ? 
hydrog29 hydrog ? ? A DG  12 N2 ? ? ? 1_555 B DC  1  O2 ? ? A DG  12   B DC  13   1_555 ? ? ? ? ? ? WATSON-CRICK ?     ? ? 
hydrog30 hydrog ? ? A DG  12 O6 ? ? ? 1_555 B DC  1  N4 ? ? A DG  12   B DC  13   1_555 ? ? ? ? ? ? WATSON-CRICK ?     ? ? 
# 
loop_
_struct_conn_type.id 
_struct_conn_type.criteria 
_struct_conn_type.reference 
metalc ? ? 
hydrog ? ? 
# 
loop_
_struct_site.id 
_struct_site.pdbx_evidence_code 
_struct_site.pdbx_auth_asym_id 
_struct_site.pdbx_auth_comp_id 
_struct_site.pdbx_auth_seq_id 
_struct_site.pdbx_auth_ins_code 
_struct_site.pdbx_num_residues 
_struct_site.details 
AC1 Software A D2A 1013 ? 13 'BINDING SITE FOR RESIDUE D2A A 1013' 
AC2 Software B MG  2000 ? 6  'BINDING SITE FOR RESIDUE MG B 2000'  
# 
loop_
_struct_site_gen.id 
_struct_site_gen.site_id 
_struct_site_gen.pdbx_num_res 
_struct_site_gen.label_comp_id 
_struct_site_gen.label_asym_id 
_struct_site_gen.label_seq_id 
_struct_site_gen.pdbx_auth_ins_code 
_struct_site_gen.auth_comp_id 
_struct_site_gen.auth_asym_id 
_struct_site_gen.auth_seq_id 
_struct_site_gen.label_atom_id 
_struct_site_gen.label_alt_id 
_struct_site_gen.symmetry 
_struct_site_gen.details 
1  AC1 13 DA  A 6  ? DA  A 6    . ? 1_555 ? 
2  AC1 13 DT  A 7  ? DT  A 7    . ? 1_555 ? 
3  AC1 13 DT  A 8  ? DT  A 8    . ? 1_555 ? 
4  AC1 13 DT  A 9  ? DT  A 9    . ? 1_555 ? 
5  AC1 13 HOH E .  ? HOH A 2035 . ? 4_455 ? 
6  AC1 13 HOH E .  ? HOH A 2046 . ? 1_555 ? 
7  AC1 13 HOH E .  ? HOH A 2062 . ? 1_555 ? 
8  AC1 13 HOH E .  ? HOH A 2063 . ? 1_555 ? 
9  AC1 13 DA  B 6  ? DA  B 18   . ? 1_555 ? 
10 AC1 13 DT  B 7  ? DT  B 19   . ? 1_555 ? 
11 AC1 13 DT  B 8  ? DT  B 20   . ? 1_555 ? 
12 AC1 13 DT  B 9  ? DT  B 21   . ? 1_555 ? 
13 AC1 13 DG  B 10 ? DG  B 22   . ? 1_555 ? 
14 AC2 6  HOH E .  ? HOH A 2054 . ? 1_555 ? 
15 AC2 6  HOH E .  ? HOH A 2055 . ? 1_555 ? 
16 AC2 6  HOH F .  ? HOH B 2014 . ? 1_555 ? 
17 AC2 6  HOH F .  ? HOH B 2047 . ? 1_555 ? 
18 AC2 6  HOH F .  ? HOH B 2048 . ? 1_555 ? 
19 AC2 6  HOH F .  ? HOH B 2049 . ? 1_555 ? 
# 
_atom_sites.entry_id                    4AH1 
_atom_sites.fract_transf_matrix[1][1]   -0.00182710 
_atom_sites.fract_transf_matrix[1][2]   -0.04225547 
_atom_sites.fract_transf_matrix[1][3]   -0.00179449 
_atom_sites.fract_transf_matrix[2][1]   -0.02098301 
_atom_sites.fract_transf_matrix[2][2]   0.00153557 
_atom_sites.fract_transf_matrix[2][3]   -0.01479438 
_atom_sites.fract_transf_matrix[3][1]   0.00920334 
_atom_sites.fract_transf_matrix[3][2]   0.00015570 
_atom_sites.fract_transf_matrix[3][3]   -0.01303702 
_atom_sites.fract_transf_vector[1]      0.076115 
_atom_sites.fract_transf_vector[2]      0.054698 
_atom_sites.fract_transf_vector[3]      0.103592 
# 
loop_
_atom_type.symbol 
C  
MG 
N  
O  
P  
# 
loop_
_atom_site.group_PDB 
_atom_site.id 
_atom_site.type_symbol 
_atom_site.label_atom_id 
_atom_site.label_alt_id 
_atom_site.label_comp_id 
_atom_site.label_asym_id 
_atom_site.label_entity_id 
_atom_site.label_seq_id 
_atom_site.pdbx_PDB_ins_code 
_atom_site.Cartn_x 
_atom_site.Cartn_y 
_atom_site.Cartn_z 
_atom_site.occupancy 
_atom_site.B_iso_or_equiv 
_atom_site.pdbx_formal_charge 
_atom_site.auth_seq_id 
_atom_site.auth_comp_id 
_atom_site.auth_asym_id 
_atom_site.auth_atom_id 
_atom_site.pdbx_PDB_model_num 
ATOM   1   O  "O5'" . DC  A 1 1  ? 1.910   5.845   20.468  1.00 33.48 ? 1    DC  A "O5'" 1 
ATOM   2   C  "C5'" . DC  A 1 1  ? 2.310   4.576   21.030  1.00 28.65 ? 1    DC  A "C5'" 1 
ATOM   3   C  "C4'" . DC  A 1 1  ? 2.047   3.415   20.069  1.00 23.09 ? 1    DC  A "C4'" 1 
ATOM   4   O  "O4'" . DC  A 1 1  ? 0.607   3.154   20.147  1.00 19.02 ? 1    DC  A "O4'" 1 
ATOM   5   C  "C3'" . DC  A 1 1  ? 2.340   3.657   18.601  1.00 21.48 ? 1    DC  A "C3'" 1 
ATOM   6   O  "O3'" . DC  A 1 1  ? 2.727   2.414   18.016  1.00 22.23 ? 1    DC  A "O3'" 1 
ATOM   7   C  "C2'" . DC  A 1 1  ? 0.984   4.077   18.018  1.00 20.89 ? 1    DC  A "C2'" 1 
ATOM   8   C  "C1'" . DC  A 1 1  ? 0.091   3.148   18.851  1.00 18.39 ? 1    DC  A "C1'" 1 
ATOM   9   N  N1    . DC  A 1 1  ? -1.314  3.460   18.895  1.00 19.02 ? 1    DC  A N1    1 
ATOM   10  C  C2    . DC  A 1 1  ? -2.295  2.580   18.485  1.00 18.38 ? 1    DC  A C2    1 
ATOM   11  O  O2    . DC  A 1 1  ? -1.958  1.455   18.144  1.00 16.55 ? 1    DC  A O2    1 
ATOM   12  N  N3    . DC  A 1 1  ? -3.609  2.931   18.508  1.00 16.87 ? 1    DC  A N3    1 
ATOM   13  C  C4    . DC  A 1 1  ? -3.977  4.141   18.929  1.00 18.26 ? 1    DC  A C4    1 
ATOM   14  N  N4    . DC  A 1 1  ? -5.289  4.396   18.914  1.00 17.66 ? 1    DC  A N4    1 
ATOM   15  C  C5    . DC  A 1 1  ? -2.932  5.036   19.373  1.00 18.06 ? 1    DC  A C5    1 
ATOM   16  C  C6    . DC  A 1 1  ? -1.678  4.685   19.334  1.00 19.37 ? 1    DC  A C6    1 
ATOM   17  P  P     . DG  A 1 2  ? 4.182   2.196   17.434  1.00 25.41 ? 2    DG  A P     1 
ATOM   18  O  OP1   . DG  A 1 2  ? 5.114   2.140   18.554  1.00 27.02 ? 2    DG  A OP1   1 
ATOM   19  O  OP2   . DG  A 1 2  ? 4.332   3.101   16.272  1.00 31.23 ? 2    DG  A OP2   1 
ATOM   20  O  "O5'" . DG  A 1 2  ? 3.896   0.750   16.877  1.00 22.50 ? 2    DG  A "O5'" 1 
ATOM   21  C  "C5'" . DG  A 1 2  ? 3.801   -0.375  17.743  1.00 21.50 ? 2    DG  A "C5'" 1 
ATOM   22  C  "C4'" . DG  A 1 2  ? 2.651   -1.242  17.383  1.00 19.14 ? 2    DG  A "C4'" 1 
ATOM   23  O  "O4'" . DG  A 1 2  ? 1.425   -0.490  17.506  1.00 20.33 ? 2    DG  A "O4'" 1 
ATOM   24  C  "C3'" . DG  A 1 2  ? 2.625   -1.725  15.958  1.00 23.34 ? 2    DG  A "C3'" 1 
ATOM   25  O  "O3'" . DG  A 1 2  ? 3.418   -2.855  15.872  1.00 19.09 ? 2    DG  A "O3'" 1 
ATOM   26  C  "C2'" . DG  A 1 2  ? 1.139   -2.019  15.755  1.00 22.33 ? 2    DG  A "C2'" 1 
ATOM   27  C  "C1'" . DG  A 1 2  ? 0.494   -0.945  16.507  1.00 24.53 ? 2    DG  A "C1'" 1 
ATOM   28  N  N9    . DG  A 1 2  ? -0.061  0.241   15.887  1.00 20.32 ? 2    DG  A N9    1 
ATOM   29  C  C8    . DG  A 1 2  ? 0.455   1.494   15.757  1.00 20.07 ? 2    DG  A C8    1 
ATOM   30  N  N7    . DG  A 1 2  ? -0.308  2.374   15.215  1.00 18.52 ? 2    DG  A N7    1 
ATOM   31  C  C5    . DG  A 1 2  ? -1.448  1.625   14.981  1.00 16.00 ? 2    DG  A C5    1 
ATOM   32  C  C6    . DG  A 1 2  ? -2.727  2.020   14.530  1.00 14.95 ? 2    DG  A C6    1 
ATOM   33  O  O6    . DG  A 1 2  ? -3.028  3.182   14.210  1.00 21.81 ? 2    DG  A O6    1 
ATOM   34  N  N1    . DG  A 1 2  ? -3.586  0.967   14.478  1.00 16.14 ? 2    DG  A N1    1 
ATOM   35  C  C2    . DG  A 1 2  ? -3.363  -0.374  14.767  1.00 16.08 ? 2    DG  A C2    1 
ATOM   36  N  N2    . DG  A 1 2  ? -4.362  -1.211  14.643  1.00 17.21 ? 2    DG  A N2    1 
ATOM   37  N  N3    . DG  A 1 2  ? -2.226  -0.755  15.286  1.00 17.02 ? 2    DG  A N3    1 
ATOM   38  C  C4    . DG  A 1 2  ? -1.316  0.293   15.342  1.00 18.82 ? 2    DG  A C4    1 
ATOM   39  P  P     . DC  A 1 3  ? 3.802   -3.518  14.454  1.00 20.50 ? 3    DC  A P     1 
ATOM   40  O  OP1   . DC  A 1 3  ? 4.660   -4.624  14.862  1.00 23.78 ? 3    DC  A OP1   1 
ATOM   41  O  OP2   . DC  A 1 3  ? 4.273   -2.394  13.662  1.00 25.63 ? 3    DC  A OP2   1 
ATOM   42  O  "O5'" . DC  A 1 3  ? 2.514   -4.052  13.728  1.00 17.46 ? 3    DC  A "O5'" 1 
ATOM   43  C  "C5'" . DC  A 1 3  ? 1.811   -5.158  14.166  1.00 18.04 ? 3    DC  A "C5'" 1 
ATOM   44  C  "C4'" . DC  A 1 3  ? 0.485   -5.182  13.448  1.00 18.69 ? 3    DC  A "C4'" 1 
ATOM   45  O  "O4'" . DC  A 1 3  ? -0.159  -3.898  13.632  1.00 18.50 ? 3    DC  A "O4'" 1 
ATOM   46  C  "C3'" . DC  A 1 3  ? 0.594   -5.333  11.953  1.00 19.36 ? 3    DC  A "C3'" 1 
ATOM   47  O  "O3'" . DC  A 1 3  ? 0.539   -6.687  11.665  1.00 21.51 ? 3    DC  A "O3'" 1 
ATOM   48  C  "C2'" . DC  A 1 3  ? -0.650  -4.572  11.411  1.00 18.53 ? 3    DC  A "C2'" 1 
ATOM   49  C  "C1'" . DC  A 1 3  ? -0.953  -3.553  12.438  1.00 19.08 ? 3    DC  A "C1'" 1 
ATOM   50  N  N1    . DC  A 1 3  ? -0.638  -2.114  12.136  1.00 17.38 ? 3    DC  A N1    1 
ATOM   51  C  C2    . DC  A 1 3  ? -1.673  -1.231  11.795  1.00 13.00 ? 3    DC  A C2    1 
ATOM   52  O  O2    . DC  A 1 3  ? -2.823  -1.681  11.663  1.00 16.31 ? 3    DC  A O2    1 
ATOM   53  N  N3    . DC  A 1 3  ? -1.337  0.083   11.672  1.00 17.29 ? 3    DC  A N3    1 
ATOM   54  C  C4    . DC  A 1 3  ? -0.120  0.497   11.746  1.00 14.71 ? 3    DC  A C4    1 
ATOM   55  N  N4    . DC  A 1 3  ? 0.095   1.801   11.625  1.00 19.40 ? 3    DC  A N4    1 
ATOM   56  C  C5    . DC  A 1 3  ? 0.954   -0.407  12.068  1.00 19.00 ? 3    DC  A C5    1 
ATOM   57  C  C6    . DC  A 1 3  ? 0.635   -1.668  12.228  1.00 16.93 ? 3    DC  A C6    1 
ATOM   58  P  P     . DA  A 1 4  ? 0.747   -7.220  10.161  1.00 22.38 ? 4    DA  A P     1 
ATOM   59  O  OP1   . DA  A 1 4  ? 1.034   -8.651  10.339  1.00 24.71 ? 4    DA  A OP1   1 
ATOM   60  O  OP2   . DA  A 1 4  ? 1.601   -6.326  9.340   1.00 24.37 ? 4    DA  A OP2   1 
ATOM   61  O  "O5'" . DA  A 1 4  ? -0.676  -7.175  9.546   1.00 20.36 ? 4    DA  A "O5'" 1 
ATOM   62  C  "C5'" . DA  A 1 4  ? -1.789  -7.788  10.163  1.00 20.91 ? 4    DA  A "C5'" 1 
ATOM   63  C  "C4'" . DA  A 1 4  ? -3.080  -7.381  9.475   1.00 20.43 ? 4    DA  A "C4'" 1 
ATOM   64  O  "O4'" . DA  A 1 4  ? -3.197  -5.947  9.451   1.00 19.48 ? 4    DA  A "O4'" 1 
ATOM   65  C  "C3'" . DA  A 1 4  ? -3.247  -7.776  8.015   1.00 21.52 ? 4    DA  A "C3'" 1 
ATOM   66  O  "O3'" . DA  A 1 4  ? -4.636  -8.072  7.826   1.00 26.45 ? 4    DA  A "O3'" 1 
ATOM   67  C  "C2'" . DA  A 1 4  ? -2.773  -6.589  7.176   1.00 19.03 ? 4    DA  A "C2'" 1 
ATOM   68  C  "C1'" . DA  A 1 4  ? -3.143  -5.436  8.113   1.00 20.85 ? 4    DA  A "C1'" 1 
ATOM   69  N  N9    . DA  A 1 4  ? -2.224  -4.276  8.102   1.00 20.36 ? 4    DA  A N9    1 
ATOM   70  C  C8    . DA  A 1 4  ? -0.871  -4.242  8.084   1.00 19.71 ? 4    DA  A C8    1 
ATOM   71  N  N7    . DA  A 1 4  ? -0.315  -3.083  8.153   1.00 22.66 ? 4    DA  A N7    1 
ATOM   72  C  C5    . DA  A 1 4  ? -1.408  -2.232  8.229   1.00 14.12 ? 4    DA  A C5    1 
ATOM   73  C  C6    . DA  A 1 4  ? -1.483  -0.795  8.284   1.00 15.55 ? 4    DA  A C6    1 
ATOM   74  N  N6    . DA  A 1 4  ? -0.395  -0.052  8.312   1.00 18.61 ? 4    DA  A N6    1 
ATOM   75  N  N1    . DA  A 1 4  ? -2.715  -0.306  8.258   1.00 16.00 ? 4    DA  A N1    1 
ATOM   76  C  C2    . DA  A 1 4  ? -3.764  -1.092  8.222   1.00 16.54 ? 4    DA  A C2    1 
ATOM   77  N  N3    . DA  A 1 4  ? -3.825  -2.404  8.205   1.00 17.08 ? 4    DA  A N3    1 
ATOM   78  C  C4    . DA  A 1 4  ? -2.579  -2.912  8.211   1.00 17.70 ? 4    DA  A C4    1 
ATOM   79  P  P     . DA  A 1 5  ? -5.232  -8.675  6.470   1.00 29.23 ? 5    DA  A P     1 
ATOM   80  O  OP1   . DA  A 1 5  ? -6.459  -9.447  6.870   1.00 30.38 ? 5    DA  A OP1   1 
ATOM   81  O  OP2   . DA  A 1 5  ? -4.055  -8.892  5.606   1.00 30.86 ? 5    DA  A OP2   1 
ATOM   82  O  "O5'" . DA  A 1 5  ? -5.760  -7.318  5.773   1.00 26.67 ? 5    DA  A "O5'" 1 
ATOM   83  C  "C5'" . DA  A 1 5  ? -6.763  -6.540  6.384   1.00 27.45 ? 5    DA  A "C5'" 1 
ATOM   84  C  "C4'" . DA  A 1 5  ? -7.219  -5.308  5.642   1.00 26.31 ? 5    DA  A "C4'" 1 
ATOM   85  O  "O4'" . DA  A 1 5  ? -6.077  -4.419  5.759   1.00 28.31 ? 5    DA  A "O4'" 1 
ATOM   86  C  "C3'" . DA  A 1 5  ? -7.536  -5.535  4.181   1.00 29.76 ? 5    DA  A "C3'" 1 
ATOM   87  O  "O3'" . DA  A 1 5  ? -8.767  -4.958  3.834   1.00 30.21 ? 5    DA  A "O3'" 1 
ATOM   88  C  "C2'" . DA  A 1 5  ? -6.315  -4.909  3.465   1.00 29.03 ? 5    DA  A "C2'" 1 
ATOM   89  C  "C1'" . DA  A 1 5  ? -5.853  -3.870  4.461   1.00 26.95 ? 5    DA  A "C1'" 1 
ATOM   90  N  N9    . DA  A 1 5  ? -4.440  -3.591  4.538   1.00 24.24 ? 5    DA  A N9    1 
ATOM   91  C  C8    . DA  A 1 5  ? -3.374  -4.423  4.517   1.00 22.87 ? 5    DA  A C8    1 
ATOM   92  N  N7    . DA  A 1 5  ? -2.210  -3.868  4.611   1.00 21.75 ? 5    DA  A N7    1 
ATOM   93  C  C5    . DA  A 1 5  ? -2.505  -2.535  4.747   1.00 19.30 ? 5    DA  A C5    1 
ATOM   94  C  C6    . DA  A 1 5  ? -1.660  -1.406  4.905   1.00 19.25 ? 5    DA  A C6    1 
ATOM   95  N  N6    . DA  A 1 5  ? -0.350  -1.463  4.992   1.00 18.05 ? 5    DA  A N6    1 
ATOM   96  N  N1    . DA  A 1 5  ? -2.248  -0.180  5.014   1.00 14.96 ? 5    DA  A N1    1 
ATOM   97  C  C2    . DA  A 1 5  ? -3.586  -0.153  4.930   1.00 16.44 ? 5    DA  A C2    1 
ATOM   98  N  N3    . DA  A 1 5  ? -4.498  -1.159  4.801   1.00 19.39 ? 5    DA  A N3    1 
ATOM   99  C  C4    . DA  A 1 5  ? -3.856  -2.341  4.689   1.00 20.45 ? 5    DA  A C4    1 
ATOM   100 P  P     . DA  A 1 6  ? -9.212  -4.829  2.290   1.00 29.56 ? 6    DA  A P     1 
ATOM   101 O  OP1   . DA  A 1 6  ? -10.676 -4.677  2.425   1.00 32.72 ? 6    DA  A OP1   1 
ATOM   102 O  OP2   . DA  A 1 6  ? -8.479  -5.794  1.405   1.00 32.66 ? 6    DA  A OP2   1 
ATOM   103 O  "O5'" . DA  A 1 6  ? -8.623  -3.380  1.837   1.00 22.85 ? 6    DA  A "O5'" 1 
ATOM   104 C  "C5'" . DA  A 1 6  ? -8.980  -2.350  2.679   1.00 20.16 ? 6    DA  A "C5'" 1 
ATOM   105 C  "C4'" . DA  A 1 6  ? -8.454  -1.011  2.218   1.00 18.46 ? 6    DA  A "C4'" 1 
ATOM   106 O  "O4'" . DA  A 1 6  ? -7.048  -0.899  2.409   1.00 19.15 ? 6    DA  A "O4'" 1 
ATOM   107 C  "C3'" . DA  A 1 6  ? -8.699  -0.804  0.690   1.00 19.58 ? 6    DA  A "C3'" 1 
ATOM   108 O  "O3'" . DA  A 1 6  ? -9.201  0.484   0.398   1.00 17.64 ? 6    DA  A "O3'" 1 
ATOM   109 C  "C2'" . DA  A 1 6  ? -7.307  -1.022  0.129   1.00 18.31 ? 6    DA  A "C2'" 1 
ATOM   110 C  "C1'" . DA  A 1 6  ? -6.335  -0.634  1.193   1.00 16.03 ? 6    DA  A "C1'" 1 
ATOM   111 N  N9    . DA  A 1 6  ? -5.101  -1.324  1.217   1.00 15.15 ? 6    DA  A N9    1 
ATOM   112 C  C8    . DA  A 1 6  ? -4.846  -2.668  1.165   1.00 16.51 ? 6    DA  A C8    1 
ATOM   113 N  N7    . DA  A 1 6  ? -3.564  -3.010  1.264   1.00 15.47 ? 6    DA  A N7    1 
ATOM   114 C  C5    . DA  A 1 6  ? -2.931  -1.769  1.494   1.00 14.40 ? 6    DA  A C5    1 
ATOM   115 C  C6    . DA  A 1 6  ? -1.587  -1.460  1.671   1.00 11.57 ? 6    DA  A C6    1 
ATOM   116 N  N6    . DA  A 1 6  ? -0.606  -2.346  1.793   1.00 14.94 ? 6    DA  A N6    1 
ATOM   117 N  N1    . DA  A 1 6  ? -1.304  -0.157  1.784   1.00 13.21 ? 6    DA  A N1    1 
ATOM   118 C  C2    . DA  A 1 6  ? -2.293  0.725   1.733   1.00 15.78 ? 6    DA  A C2    1 
ATOM   119 N  N3    . DA  A 1 6  ? -3.614  0.525   1.581   1.00 14.93 ? 6    DA  A N3    1 
ATOM   120 C  C4    . DA  A 1 6  ? -3.865  -0.767  1.404   1.00 16.33 ? 6    DA  A C4    1 
ATOM   121 P  P     . DT  A 1 7  ? -9.602  0.970   -1.055  1.00 19.22 ? 7    DT  A P     1 
ATOM   122 O  OP1   . DT  A 1 7  ? -10.608 1.940   -0.898  1.00 23.10 ? 7    DT  A OP1   1 
ATOM   123 O  OP2   . DT  A 1 7  ? -9.791  -0.156  -1.890  1.00 22.79 ? 7    DT  A OP2   1 
ATOM   124 O  "O5'" . DT  A 1 7  ? -8.332  1.724   -1.578  1.00 18.85 ? 7    DT  A "O5'" 1 
ATOM   125 C  "C5'" . DT  A 1 7  ? -7.771  2.698   -0.839  1.00 19.68 ? 7    DT  A "C5'" 1 
ATOM   126 C  "C4'" . DT  A 1 7  ? -6.406  3.096   -1.364  1.00 18.95 ? 7    DT  A "C4'" 1 
ATOM   127 O  "O4'" . DT  A 1 7  ? -5.469  2.057   -1.107  1.00 17.97 ? 7    DT  A "O4'" 1 
ATOM   128 C  "C3'" . DT  A 1 7  ? -6.318  3.254   -2.889  1.00 19.59 ? 7    DT  A "C3'" 1 
ATOM   129 O  "O3'" . DT  A 1 7  ? -6.150  4.543   -3.201  1.00 24.25 ? 7    DT  A "O3'" 1 
ATOM   130 C  "C2'" . DT  A 1 7  ? -5.101  2.443   -3.283  1.00 20.21 ? 7    DT  A "C2'" 1 
ATOM   131 C  "C1'" . DT  A 1 7  ? -4.389  2.126   -1.986  1.00 16.20 ? 7    DT  A "C1'" 1 
ATOM   132 N  N1    . DT  A 1 7  ? -3.657  0.859   -1.974  1.00 15.90 ? 7    DT  A N1    1 
ATOM   133 C  C2    . DT  A 1 7  ? -2.308  0.904   -1.721  1.00 17.16 ? 7    DT  A C2    1 
ATOM   134 O  O2    . DT  A 1 7  ? -1.738  1.902   -1.579  1.00 18.23 ? 7    DT  A O2    1 
ATOM   135 N  N3    . DT  A 1 7  ? -1.686  -0.265  -1.673  1.00 16.63 ? 7    DT  A N3    1 
ATOM   136 C  C4    . DT  A 1 7  ? -2.229  -1.505  -1.808  1.00 15.07 ? 7    DT  A C4    1 
ATOM   137 O  O4    . DT  A 1 7  ? -1.589  -2.497  -1.750  1.00 19.44 ? 7    DT  A O4    1 
ATOM   138 C  C5    . DT  A 1 7  ? -3.647  -1.500  -2.079  1.00 16.86 ? 7    DT  A C5    1 
ATOM   139 C  C7    . DT  A 1 7  ? -4.355  -2.787  -2.346  1.00 18.56 ? 7    DT  A C7    1 
ATOM   140 C  C6    . DT  A 1 7  ? -4.270  -0.346  -2.133  1.00 15.02 ? 7    DT  A C6    1 
ATOM   141 P  P     . DT  A 1 8  ? -6.093  5.152   -4.674  1.00 29.35 ? 8    DT  A P     1 
ATOM   142 O  OP1   . DT  A 1 8  ? -6.405  6.488   -4.453  1.00 31.70 ? 8    DT  A OP1   1 
ATOM   143 O  OP2   . DT  A 1 8  ? -6.452  4.245   -5.629  1.00 31.27 ? 8    DT  A OP2   1 
ATOM   144 O  "O5'" . DT  A 1 8  ? -4.523  5.214   -4.845  1.00 22.42 ? 8    DT  A "O5'" 1 
ATOM   145 C  "C5'" . DT  A 1 8  ? -3.741  6.066   -4.107  1.00 20.03 ? 8    DT  A "C5'" 1 
ATOM   146 C  "C4'" . DT  A 1 8  ? -2.261  5.873   -4.456  1.00 20.46 ? 8    DT  A "C4'" 1 
ATOM   147 O  "O4'" . DT  A 1 8  ? -1.817  4.521   -4.226  1.00 21.17 ? 8    DT  A "O4'" 1 
ATOM   148 C  "C3'" . DT  A 1 8  ? -1.968  6.169   -5.921  1.00 23.42 ? 8    DT  A "C3'" 1 
ATOM   149 O  "O3'" . DT  A 1 8  ? -1.147  7.208   -5.921  1.00 24.06 ? 8    DT  A "O3'" 1 
ATOM   150 C  "C2'" . DT  A 1 8  ? -1.371  4.852   -6.449  1.00 20.09 ? 8    DT  A "C2'" 1 
ATOM   151 C  "C1'" . DT  A 1 8  ? -0.882  4.117   -5.208  1.00 18.63 ? 8    DT  A "C1'" 1 
ATOM   152 N  N1    . DT  A 1 8  ? -0.933  2.626   -5.237  1.00 16.56 ? 8    DT  A N1    1 
ATOM   153 C  C2    . DT  A 1 8  ? 0.178   1.921   -4.941  1.00 14.49 ? 8    DT  A C2    1 
ATOM   154 O  O2    . DT  A 1 8  ? 1.185   2.420   -4.740  1.00 16.54 ? 8    DT  A O2    1 
ATOM   155 N  N3    . DT  A 1 8  ? -0.007  0.593   -4.889  1.00 15.64 ? 8    DT  A N3    1 
ATOM   156 C  C4    . DT  A 1 8  ? -1.142  -0.111  -5.125  1.00 13.56 ? 8    DT  A C4    1 
ATOM   157 O  O4    . DT  A 1 8  ? -1.184  -1.268  -5.074  1.00 17.77 ? 8    DT  A O4    1 
ATOM   158 C  C5    . DT  A 1 8  ? -2.278  0.698   -5.428  1.00 15.02 ? 8    DT  A C5    1 
ATOM   159 C  C7    . DT  A 1 8  ? -3.579  0.042   -5.777  1.00 17.52 ? 8    DT  A C7    1 
ATOM   160 C  C6    . DT  A 1 8  ? -2.105  1.979   -5.441  1.00 14.99 ? 8    DT  A C6    1 
ATOM   161 P  P     . DT  A 1 9  ? -0.581  7.869   -7.214  1.00 25.88 ? 9    DT  A P     1 
ATOM   162 O  OP1   . DT  A 1 9  ? -0.266  9.127   -6.762  1.00 27.80 ? 9    DT  A OP1   1 
ATOM   163 O  OP2   . DT  A 1 9  ? -1.193  7.546   -8.365  1.00 24.11 ? 9    DT  A OP2   1 
ATOM   164 O  "O5'" . DT  A 1 9  ? 0.809   7.189   -7.382  1.00 22.10 ? 9    DT  A "O5'" 1 
ATOM   165 C  "C5'" . DT  A 1 9  ? 1.646   7.231   -6.383  1.00 21.35 ? 9    DT  A "C5'" 1 
ATOM   166 C  "C4'" . DT  A 1 9  ? 2.899   6.421   -6.706  1.00 18.96 ? 9    DT  A "C4'" 1 
ATOM   167 O  "O4'" . DT  A 1 9  ? 2.579   5.044   -6.689  1.00 18.60 ? 9    DT  A "O4'" 1 
ATOM   168 C  "C3'" . DT  A 1 9  ? 3.596   6.663   -8.040  1.00 18.17 ? 9    DT  A "C3'" 1 
ATOM   169 O  "O3'" . DT  A 1 9  ? 4.874   7.180   -7.785  1.00 19.65 ? 9    DT  A "O3'" 1 
ATOM   170 C  "C2'" . DT  A 1 9  ? 3.600   5.302   -8.709  1.00 18.35 ? 9    DT  A "C2'" 1 
ATOM   171 C  "C1'" . DT  A 1 9  ? 3.378   4.321   -7.588  1.00 15.52 ? 9    DT  A "C1'" 1 
ATOM   172 N  N1    . DT  A 1 9  ? 2.610   3.138   -7.857  1.00 14.27 ? 9    DT  A N1    1 
ATOM   173 C  C2    . DT  A 1 9  ? 3.137   1.908   -7.555  1.00 14.34 ? 9    DT  A C2    1 
ATOM   174 O  O2    . DT  A 1 9  ? 4.224   1.799   -7.156  1.00 15.40 ? 9    DT  A O2    1 
ATOM   175 N  N3    . DT  A 1 9  ? 2.327   0.842   -7.770  1.00 16.86 ? 9    DT  A N3    1 
ATOM   176 C  C4    . DT  A 1 9  ? 1.040   0.899   -8.219  1.00 14.86 ? 9    DT  A C4    1 
ATOM   177 O  O4    . DT  A 1 9  ? 0.352   -0.035  -8.350  1.00 15.91 ? 9    DT  A O4    1 
ATOM   178 C  C5    . DT  A 1 9  ? 0.564   2.224   -8.527  1.00 15.01 ? 9    DT  A C5    1 
ATOM   179 C  C7    . DT  A 1 9  ? -0.802  2.377   -9.153  1.00 17.11 ? 9    DT  A C7    1 
ATOM   180 C  C6    . DT  A 1 9  ? 1.356   3.243   -8.303  1.00 14.02 ? 9    DT  A C6    1 
ATOM   181 P  P     . DG  A 1 10 ? 5.846   7.806   -8.859  1.00 20.39 ? 10   DG  A P     1 
ATOM   182 O  OP1   . DG  A 1 10 ? 6.835   8.625   -8.204  1.00 24.02 ? 10   DG  A OP1   1 
ATOM   183 O  OP2   . DG  A 1 10 ? 5.122   8.342   -9.958  1.00 21.73 ? 10   DG  A OP2   1 
ATOM   184 O  "O5'" . DG  A 1 10 ? 6.668   6.579   -9.411  1.00 17.68 ? 10   DG  A "O5'" 1 
ATOM   185 C  "C5'" . DG  A 1 10 ? 7.430   5.827   -8.551  1.00 17.99 ? 10   DG  A "C5'" 1 
ATOM   186 C  "C4'" . DG  A 1 10 ? 7.942   4.562   -9.211  1.00 17.71 ? 10   DG  A "C4'" 1 
ATOM   187 O  "O4'" . DG  A 1 10 ? 6.763   3.728   -9.296  1.00 16.67 ? 10   DG  A "O4'" 1 
ATOM   188 C  "C3'" . DG  A 1 10 ? 8.474   4.681   -10.632 1.00 18.23 ? 10   DG  A "C3'" 1 
ATOM   189 O  "O3'" . DG  A 1 10 ? 9.466   3.697   -10.850 1.00 19.30 ? 10   DG  A "O3'" 1 
ATOM   190 C  "C2'" . DG  A 1 10 ? 7.287   4.331   -11.490 1.00 18.19 ? 10   DG  A "C2'" 1 
ATOM   191 C  "C1'" . DG  A 1 10 ? 6.736   3.199   -10.650 1.00 16.56 ? 10   DG  A "C1'" 1 
ATOM   192 N  N9    . DG  A 1 10 ? 5.382   2.741   -10.995 1.00 14.45 ? 10   DG  A N9    1 
ATOM   193 C  C8    . DG  A 1 10 ? 4.316   3.462   -11.477 1.00 15.38 ? 10   DG  A C8    1 
ATOM   194 N  N7    . DG  A 1 10 ? 3.210   2.844   -11.594 1.00 14.23 ? 10   DG  A N7    1 
ATOM   195 C  C5    . DG  A 1 10 ? 3.521   1.535   -11.170 1.00 13.56 ? 10   DG  A C5    1 
ATOM   196 C  C6    . DG  A 1 10 ? 2.713   0.390   -11.125 1.00 13.72 ? 10   DG  A C6    1 
ATOM   197 O  O6    . DG  A 1 10 ? 1.513   0.225   -11.349 1.00 16.47 ? 10   DG  A O6    1 
ATOM   198 N  N1    . DG  A 1 10 ? 3.454   -0.698  -10.656 1.00 14.53 ? 10   DG  A N1    1 
ATOM   199 C  C2    . DG  A 1 10 ? 4.746   -0.689  -10.277 1.00 14.42 ? 10   DG  A C2    1 
ATOM   200 N  N2    . DG  A 1 10 ? 5.384   -1.794  -9.859  1.00 16.19 ? 10   DG  A N2    1 
ATOM   201 N  N3    . DG  A 1 10 ? 5.534   0.388   -10.331 1.00 15.62 ? 10   DG  A N3    1 
ATOM   202 C  C4    . DG  A 1 10 ? 4.861   1.456   -10.790 1.00 14.79 ? 10   DG  A C4    1 
ATOM   203 P  P     . DC  A 1 11 ? 11.011  3.997   -10.695 1.00 22.42 ? 11   DC  A P     1 
ATOM   204 O  OP1   . DC  A 1 11 ? 11.234  4.965   -9.633  1.00 24.12 ? 11   DC  A OP1   1 
ATOM   205 O  OP2   . DC  A 1 11 ? 11.463  4.329   -12.036 1.00 22.20 ? 11   DC  A OP2   1 
ATOM   206 O  "O5'" . DC  A 1 11 ? 11.614  2.531   -10.321 1.00 21.74 ? 11   DC  A "O5'" 1 
ATOM   207 C  "C5'" . DC  A 1 11 ? 11.296  1.921   -9.063  1.00 20.34 ? 11   DC  A "C5'" 1 
ATOM   208 C  "C4'" . DC  A 1 11 ? 11.124  0.465   -9.260  1.00 22.96 ? 11   DC  A "C4'" 1 
ATOM   209 O  "O4'" . DC  A 1 11 ? 9.922   0.198   -9.981  1.00 19.94 ? 11   DC  A "O4'" 1 
ATOM   210 C  "C3'" . DC  A 1 11 ? 12.224  -0.175  -10.059 1.00 23.65 ? 11   DC  A "C3'" 1 
ATOM   211 O  "O3'" . DC  A 1 11 ? 12.475  -1.422  -9.269  1.00 27.09 ? 11   DC  A "O3'" 1 
ATOM   212 C  "C2'" . DC  A 1 11 ? 11.635  -0.307  -11.472 1.00 22.72 ? 11   DC  A "C2'" 1 
ATOM   213 C  "C1'" . DC  A 1 11 ? 10.221  -0.647  -11.121 1.00 20.22 ? 11   DC  A "C1'" 1 
ATOM   214 N  N1    . DC  A 1 11 ? 9.120   -0.278  -11.994 1.00 17.86 ? 11   DC  A N1    1 
ATOM   215 C  C2    . DC  A 1 11 ? 8.039   -1.145  -12.163 1.00 16.94 ? 11   DC  A C2    1 
ATOM   216 O  O2    . DC  A 1 11 ? 8.089   -2.268  -11.674 1.00 17.55 ? 11   DC  A O2    1 
ATOM   217 N  N3    . DC  A 1 11 ? 6.969   -0.767  -12.899 1.00 14.81 ? 11   DC  A N3    1 
ATOM   218 C  C4    . DC  A 1 11 ? 6.949   0.513   -13.421 1.00 15.12 ? 11   DC  A C4    1 
ATOM   219 N  N4    . DC  A 1 11 ? 5.864   0.864   -14.054 1.00 14.87 ? 11   DC  A N4    1 
ATOM   220 C  C5    . DC  A 1 11 ? 8.046   1.379   -13.275 1.00 16.06 ? 11   DC  A C5    1 
ATOM   221 C  C6    . DC  A 1 11 ? 9.071   0.960   -12.521 1.00 14.67 ? 11   DC  A C6    1 
ATOM   222 P  P     . DG  A 1 12 ? 13.670  -2.507  -9.441  1.00 27.51 ? 12   DG  A P     1 
ATOM   223 O  OP1   . DG  A 1 12 ? 13.804  -3.342  -8.226  1.00 29.37 ? 12   DG  A OP1   1 
ATOM   224 O  OP2   . DG  A 1 12 ? 14.863  -1.707  -9.795  1.00 30.51 ? 12   DG  A OP2   1 
ATOM   225 O  "O5'" . DG  A 1 12 ? 13.387  -3.250  -10.810 1.00 23.71 ? 12   DG  A "O5'" 1 
ATOM   226 C  "C5'" . DG  A 1 12 ? 12.454  -4.250  -10.650 1.00 23.81 ? 12   DG  A "C5'" 1 
ATOM   227 C  "C4'" . DG  A 1 12 ? 12.234  -4.930  -12.001 1.00 22.31 ? 12   DG  A "C4'" 1 
ATOM   228 O  "O4'" . DG  A 1 12 ? 11.259  -4.147  -12.716 1.00 22.74 ? 12   DG  A "O4'" 1 
ATOM   229 C  "C3'" . DG  A 1 12 ? 13.305  -4.979  -13.066 1.00 23.79 ? 12   DG  A "C3'" 1 
ATOM   230 O  "O3'" . DG  A 1 12 ? 13.698  -6.363  -13.102 1.00 26.24 ? 12   DG  A "O3'" 1 
ATOM   231 C  "C2'" . DG  A 1 12 ? 12.763  -4.539  -14.398 1.00 22.45 ? 12   DG  A "C2'" 1 
ATOM   232 C  "C1'" . DG  A 1 12 ? 11.288  -4.356  -14.102 1.00 21.53 ? 12   DG  A "C1'" 1 
ATOM   233 N  N9    . DG  A 1 12 ? 10.605  -3.206  -14.668 1.00 17.29 ? 12   DG  A N9    1 
ATOM   234 C  C8    . DG  A 1 12 ? 11.005  -1.923  -14.786 1.00 19.11 ? 12   DG  A C8    1 
ATOM   235 N  N7    . DG  A 1 12 ? 10.147  -1.101  -15.351 1.00 19.72 ? 12   DG  A N7    1 
ATOM   236 C  C5    . DG  A 1 12 ? 9.061   -1.875  -15.568 1.00 14.57 ? 12   DG  A C5    1 
ATOM   237 C  C6    . DG  A 1 12 ? 7.776   -1.561  -16.130 1.00 15.47 ? 12   DG  A C6    1 
ATOM   238 O  O6    . DG  A 1 12 ? 7.416   -0.452  -16.547 1.00 17.13 ? 12   DG  A O6    1 
ATOM   239 N  N1    . DG  A 1 12 ? 6.970   -2.654  -16.226 1.00 15.41 ? 12   DG  A N1    1 
ATOM   240 C  C2    . DG  A 1 12 ? 7.237   -3.942  -15.828 1.00 15.64 ? 12   DG  A C2    1 
ATOM   241 N  N2    . DG  A 1 12 ? 6.345   -4.935  -15.954 1.00 17.50 ? 12   DG  A N2    1 
ATOM   242 N  N3    . DG  A 1 12 ? 8.463   -4.230  -15.252 1.00 17.16 ? 12   DG  A N3    1 
ATOM   243 C  C4    . DG  A 1 12 ? 9.296   -3.186  -15.200 1.00 15.54 ? 12   DG  A C4    1 
ATOM   244 O  "O5'" . DC  B 1 1  ? 0.505   -2.952  -22.454 1.00 28.17 ? 13   DC  B "O5'" 1 
ATOM   245 C  "C5'" . DC  B 1 1  ? -0.284  -3.504  -21.412 1.00 22.55 ? 13   DC  B "C5'" 1 
ATOM   246 C  "C4'" . DC  B 1 1  ? 0.421   -4.587  -20.647 1.00 19.34 ? 13   DC  B "C4'" 1 
ATOM   247 O  "O4'" . DC  B 1 1  ? 1.641   -4.049  -20.088 1.00 18.07 ? 13   DC  B "O4'" 1 
ATOM   248 C  "C3'" . DC  B 1 1  ? -0.335  -5.182  -19.487 1.00 19.24 ? 13   DC  B "C3'" 1 
ATOM   249 O  "O3'" . DC  B 1 1  ? -0.117  -6.594  -19.500 1.00 19.92 ? 13   DC  B "O3'" 1 
ATOM   250 C  "C2'" . DC  B 1 1  ? 0.211   -4.385  -18.282 1.00 17.78 ? 13   DC  B "C2'" 1 
ATOM   251 C  "C1'" . DC  B 1 1  ? 1.664   -4.270  -18.631 1.00 15.65 ? 13   DC  B "C1'" 1 
ATOM   252 N  N1    . DC  B 1 1  ? 2.341   -3.098  -18.144 1.00 16.29 ? 13   DC  B N1    1 
ATOM   253 C  C2    . DC  B 1 1  ? 3.665   -3.230  -17.659 1.00 17.78 ? 13   DC  B C2    1 
ATOM   254 O  O2    . DC  B 1 1  ? 4.055   -4.384  -17.553 1.00 19.12 ? 13   DC  B O2    1 
ATOM   255 N  N3    . DC  B 1 1  ? 4.341   -2.145  -17.317 1.00 16.25 ? 13   DC  B N3    1 
ATOM   256 C  C4    . DC  B 1 1  ? 3.845   -0.930  -17.375 1.00 15.74 ? 13   DC  B C4    1 
ATOM   257 N  N4    . DC  B 1 1  ? 4.564   0.152   -17.022 1.00 16.48 ? 13   DC  B N4    1 
ATOM   258 C  C5    . DC  B 1 1  ? 2.487   -0.768  -17.848 1.00 14.13 ? 13   DC  B C5    1 
ATOM   259 C  C6    . DC  B 1 1  ? 1.795   -1.841  -18.196 1.00 15.34 ? 13   DC  B C6    1 
ATOM   260 P  P     . DG  B 1 2  ? -0.955  -7.478  -18.438 1.00 23.33 ? 14   DG  B P     1 
ATOM   261 O  OP1   . DG  B 1 2  ? -1.107  -8.807  -19.019 1.00 27.20 ? 14   DG  B OP1   1 
ATOM   262 O  OP2   . DG  B 1 2  ? -2.157  -6.845  -17.954 1.00 24.31 ? 14   DG  B OP2   1 
ATOM   263 O  "O5'" . DG  B 1 2  ? 0.015   -7.620  -17.189 1.00 20.20 ? 14   DG  B "O5'" 1 
ATOM   264 C  "C5'" . DG  B 1 2  ? 1.191   -8.406  -17.218 1.00 19.65 ? 14   DG  B "C5'" 1 
ATOM   265 C  "C4'" . DG  B 1 2  ? 1.797   -8.401  -15.855 1.00 18.02 ? 14   DG  B "C4'" 1 
ATOM   266 O  "O4'" . DG  B 1 2  ? 2.321   -7.048  -15.586 1.00 17.57 ? 14   DG  B "O4'" 1 
ATOM   267 C  "C3'" . DG  B 1 2  ? 0.827   -8.675  -14.763 1.00 16.92 ? 14   DG  B "C3'" 1 
ATOM   268 O  "O3'" . DG  B 1 2  ? 1.400   -9.706  -13.954 1.00 18.38 ? 14   DG  B "O3'" 1 
ATOM   269 C  "C2'" . DG  B 1 2  ? 0.719   -7.370  -13.995 1.00 17.13 ? 14   DG  B "C2'" 1 
ATOM   270 C  "C1'" . DG  B 1 2  ? 2.056   -6.680  -14.265 1.00 14.95 ? 14   DG  B "C1'" 1 
ATOM   271 N  N9    . DG  B 1 2  ? 2.024   -5.229  -14.263 1.00 15.95 ? 14   DG  B N9    1 
ATOM   272 C  C8    . DG  B 1 2  ? 1.099   -4.329  -14.703 1.00 14.60 ? 14   DG  B C8    1 
ATOM   273 N  N7    . DG  B 1 2  ? 1.445   -3.102  -14.602 1.00 14.65 ? 14   DG  B N7    1 
ATOM   274 C  C5    . DG  B 1 2  ? 2.736   -3.164  -14.105 1.00 13.33 ? 14   DG  B C5    1 
ATOM   275 C  C6    . DG  B 1 2  ? 3.638   -2.139  -13.798 1.00 12.10 ? 14   DG  B C6    1 
ATOM   276 O  O6    . DG  B 1 2  ? 3.498   -0.918  -13.910 1.00 14.91 ? 14   DG  B O6    1 
ATOM   277 N  N1    . DG  B 1 2  ? 4.882   -2.646  -13.316 1.00 14.83 ? 14   DG  B N1    1 
ATOM   278 C  C2    . DG  B 1 2  ? 5.143   -3.969  -13.159 1.00 15.12 ? 14   DG  B C2    1 
ATOM   279 N  N2    . DG  B 1 2  ? 6.337   -4.259  -12.623 1.00 15.99 ? 14   DG  B N2    1 
ATOM   280 N  N3    . DG  B 1 2  ? 4.296   -4.925  -13.400 1.00 13.32 ? 14   DG  B N3    1 
ATOM   281 C  C4    . DG  B 1 2  ? 3.118   -4.462  -13.920 1.00 14.76 ? 14   DG  B C4    1 
ATOM   282 P  P     . DC  B 1 3  ? 0.670   -10.383 -12.682 1.00 19.23 ? 15   DC  B P     1 
ATOM   283 O  OP1   . DC  B 1 3  ? 0.989   -11.825 -12.813 1.00 21.58 ? 15   DC  B OP1   1 
ATOM   284 O  OP2   . DC  B 1 3  ? -0.667  -10.011 -12.529 1.00 18.82 ? 15   DC  B OP2   1 
ATOM   285 O  "O5'" . DC  B 1 3  ? 1.470   -9.782  -11.412 1.00 16.22 ? 15   DC  B "O5'" 1 
ATOM   286 C  "C5'" . DC  B 1 3  ? 2.839   -10.103 -11.286 1.00 16.78 ? 15   DC  B "C5'" 1 
ATOM   287 C  "C4'" . DC  B 1 3  ? 3.538   -9.025  -10.466 1.00 16.06 ? 15   DC  B "C4'" 1 
ATOM   288 O  "O4'" . DC  B 1 3  ? 3.348   -7.767  -11.103 1.00 18.35 ? 15   DC  B "O4'" 1 
ATOM   289 C  "C3'" . DC  B 1 3  ? 2.960   -8.812  -9.094  1.00 18.22 ? 15   DC  B "C3'" 1 
ATOM   290 O  "O3'" . DC  B 1 3  ? 3.538   -9.840  -8.256  1.00 19.58 ? 15   DC  B "O3'" 1 
ATOM   291 C  "C2'" . DC  B 1 3  ? 3.395   -7.414  -8.797  1.00 18.12 ? 15   DC  B "C2'" 1 
ATOM   292 C  "C1'" . DC  B 1 3  ? 3.593   -6.769  -10.126 1.00 18.27 ? 15   DC  B "C1'" 1 
ATOM   293 N  N1    . DC  B 1 3  ? 2.661   -5.665  -10.375 1.00 16.44 ? 15   DC  B N1    1 
ATOM   294 C  C2    . DC  B 1 3  ? 3.148   -4.342  -10.250 1.00 14.57 ? 15   DC  B C2    1 
ATOM   295 O  O2    . DC  B 1 3  ? 4.293   -4.211  -9.889  1.00 16.10 ? 15   DC  B O2    1 
ATOM   296 N  N3    . DC  B 1 3  ? 2.309   -3.358  -10.586 1.00 14.04 ? 15   DC  B N3    1 
ATOM   297 C  C4    . DC  B 1 3  ? 1.039   -3.602  -10.978 1.00 15.57 ? 15   DC  B C4    1 
ATOM   298 N  N4    . DC  B 1 3  ? 0.325   -2.527  -11.247 1.00 16.07 ? 15   DC  B N4    1 
ATOM   299 C  C5    . DC  B 1 3  ? 0.553   -4.927  -11.012 1.00 12.60 ? 15   DC  B C5    1 
ATOM   300 C  C6    . DC  B 1 3  ? 1.374   -5.905  -10.756 1.00 17.37 ? 15   DC  B C6    1 
ATOM   301 P  P     . DA  B 1 4  ? 3.315   -9.876  -6.685  1.00 20.54 ? 16   DA  B P     1 
ATOM   302 O  OP1   . DA  B 1 4  ? 3.685   -11.284 -6.324  1.00 24.39 ? 16   DA  B OP1   1 
ATOM   303 O  OP2   . DA  B 1 4  ? 2.015   -9.284  -6.328  1.00 21.01 ? 16   DA  B OP2   1 
ATOM   304 O  "O5'" . DA  B 1 4  ? 4.452   -9.017  -6.140  1.00 18.72 ? 16   DA  B "O5'" 1 
ATOM   305 C  "C5'" . DA  B 1 4  ? 5.772   -9.151  -6.468  1.00 15.49 ? 16   DA  B "C5'" 1 
ATOM   306 C  "C4'" . DA  B 1 4  ? 6.688   -8.109  -5.818  1.00 17.95 ? 16   DA  B "C4'" 1 
ATOM   307 O  "O4'" . DA  B 1 4  ? 6.269   -6.796  -6.332  1.00 19.56 ? 16   DA  B "O4'" 1 
ATOM   308 C  "C3'" . DA  B 1 4  ? 6.640   -7.985  -4.301  1.00 20.94 ? 16   DA  B "C3'" 1 
ATOM   309 O  "O3'" . DA  B 1 4  ? 7.873   -7.585  -3.842  1.00 25.72 ? 16   DA  B "O3'" 1 
ATOM   310 C  "C2'" . DA  B 1 4  ? 5.467   -6.992  -4.112  1.00 19.85 ? 16   DA  B "C2'" 1 
ATOM   311 C  "C1'" . DA  B 1 4  ? 5.634   -6.037  -5.334  1.00 17.49 ? 16   DA  B "C1'" 1 
ATOM   312 N  N9    . DA  B 1 4  ? 4.357   -5.499  -5.790  1.00 16.79 ? 16   DA  B N9    1 
ATOM   313 C  C8    . DA  B 1 4  ? 3.129   -6.045  -5.787  1.00 16.98 ? 16   DA  B C8    1 
ATOM   314 N  N7    . DA  B 1 4  ? 2.136   -5.361  -6.212  1.00 17.00 ? 16   DA  B N7    1 
ATOM   315 C  C5    . DA  B 1 4  ? 2.783   -4.163  -6.513  1.00 14.24 ? 16   DA  B C5    1 
ATOM   316 C  C6    . DA  B 1 4  ? 2.257   -2.955  -7.081  1.00 13.93 ? 16   DA  B C6    1 
ATOM   317 N  N6    . DA  B 1 4  ? 0.972   -2.784  -7.397  1.00 16.83 ? 16   DA  B N6    1 
ATOM   318 N  N1    . DA  B 1 4  ? 3.155   -1.975  -7.249  1.00 15.04 ? 16   DA  B N1    1 
ATOM   319 C  C2    . DA  B 1 4  ? 4.433   -2.124  -6.990  1.00 13.35 ? 16   DA  B C2    1 
ATOM   320 N  N3    . DA  B 1 4  ? 5.049   -3.231  -6.482  1.00 16.28 ? 16   DA  B N3    1 
ATOM   321 C  C4    . DA  B 1 4  ? 4.116   -4.215  -6.314  1.00 15.08 ? 16   DA  B C4    1 
ATOM   322 P  P     . DA  B 1 5  ? 8.104   -6.982  -2.338  1.00 24.86 ? 17   DA  B P     1 
ATOM   323 O  OP1   . DA  B 1 5  ? 9.520   -7.292  -2.293  1.00 29.42 ? 17   DA  B OP1   1 
ATOM   324 O  OP2   . DA  B 1 5  ? 7.006   -7.239  -1.390  1.00 27.28 ? 17   DA  B OP2   1 
ATOM   325 O  "O5'" . DA  B 1 5  ? 8.140   -5.360  -2.651  1.00 20.46 ? 17   DA  B "O5'" 1 
ATOM   326 C  "C5'" . DA  B 1 5  ? 9.062   -4.861  -3.593  1.00 17.46 ? 17   DA  B "C5'" 1 
ATOM   327 C  "C4'" . DA  B 1 5  ? 9.036   -3.363  -3.758  1.00 19.04 ? 17   DA  B "C4'" 1 
ATOM   328 O  "O4'" . DA  B 1 5  ? 7.700   -2.933  -4.101  1.00 17.92 ? 17   DA  B "O4'" 1 
ATOM   329 C  "C3'" . DA  B 1 5  ? 9.252   -2.609  -2.449  1.00 16.68 ? 17   DA  B "C3'" 1 
ATOM   330 O  "O3'" . DA  B 1 5  ? 9.952   -1.527  -2.796  1.00 17.43 ? 17   DA  B "O3'" 1 
ATOM   331 C  "C2'" . DA  B 1 5  ? 7.871   -2.379  -1.883  1.00 17.15 ? 17   DA  B "C2'" 1 
ATOM   332 C  "C1'" . DA  B 1 5  ? 7.045   -2.125  -3.090  1.00 14.10 ? 17   DA  B "C1'" 1 
ATOM   333 N  N9    . DA  B 1 5  ? 5.712   -2.525  -3.041  1.00 16.09 ? 17   DA  B N9    1 
ATOM   334 C  C8    . DA  B 1 5  ? 5.148   -3.712  -2.652  1.00 14.69 ? 17   DA  B C8    1 
ATOM   335 N  N7    . DA  B 1 5  ? 3.884   -3.807  -2.792  1.00 15.47 ? 17   DA  B N7    1 
ATOM   336 C  C5    . DA  B 1 5  ? 3.554   -2.591  -3.350  1.00 13.12 ? 17   DA  B C5    1 
ATOM   337 C  C6    . DA  B 1 5  ? 2.306   -2.126  -3.817  1.00 11.76 ? 17   DA  B C6    1 
ATOM   338 N  N6    . DA  B 1 5  ? 1.165   -2.785  -3.752  1.00 16.31 ? 17   DA  B N6    1 
ATOM   339 N  N1    . DA  B 1 5  ? 2.293   -0.842  -4.281  1.00 12.66 ? 17   DA  B N1    1 
ATOM   340 C  C2    . DA  B 1 5  ? 3.431   -0.179  -4.379  1.00 12.96 ? 17   DA  B C2    1 
ATOM   341 N  N3    . DA  B 1 5  ? 4.681   -0.555  -4.051  1.00 13.23 ? 17   DA  B N3    1 
ATOM   342 C  C4    . DA  B 1 5  ? 4.659   -1.818  -3.552  1.00 13.53 ? 17   DA  B C4    1 
ATOM   343 P  P     . DA  B 1 6  ? 10.424  -0.394  -1.712  1.00 17.94 ? 18   DA  B P     1 
ATOM   344 O  OP1   . DA  B 1 6  ? 11.557  0.336   -2.307  1.00 17.43 ? 18   DA  B OP1   1 
ATOM   345 O  OP2   . DA  B 1 6  ? 10.602  -0.989  -0.359  1.00 17.40 ? 18   DA  B OP2   1 
ATOM   346 O  "O5'" . DA  B 1 6  ? 9.154   0.551   -1.603  1.00 16.78 ? 18   DA  B "O5'" 1 
ATOM   347 C  "C5'" . DA  B 1 6  ? 8.852   1.472   -2.630  1.00 15.94 ? 18   DA  B "C5'" 1 
ATOM   348 C  "C4'" . DA  B 1 6  ? 7.714   2.324   -2.126  1.00 16.51 ? 18   DA  B "C4'" 1 
ATOM   349 O  "O4'" . DA  B 1 6  ? 6.534   1.493   -2.106  1.00 19.02 ? 18   DA  B "O4'" 1 
ATOM   350 C  "C3'" . DA  B 1 6  ? 7.951   2.926   -0.724  1.00 14.74 ? 18   DA  B "C3'" 1 
ATOM   351 O  "O3'" . DA  B 1 6  ? 7.850   4.332   -0.852  1.00 17.00 ? 18   DA  B "O3'" 1 
ATOM   352 C  "C2'" . DA  B 1 6  ? 6.786   2.321   0.027   1.00 13.86 ? 18   DA  B "C2'" 1 
ATOM   353 C  "C1'" . DA  B 1 6  ? 5.721   1.925   -0.954  1.00 16.74 ? 18   DA  B "C1'" 1 
ATOM   354 N  N9    . DA  B 1 6  ? 4.967   0.757   -0.628  1.00 14.49 ? 18   DA  B N9    1 
ATOM   355 C  C8    . DA  B 1 6  ? 5.335   -0.487  -0.146  1.00 16.03 ? 18   DA  B C8    1 
ATOM   356 N  N7    . DA  B 1 6  ? 4.401   -1.356  -0.061  1.00 16.70 ? 18   DA  B N7    1 
ATOM   357 C  C5    . DA  B 1 6  ? 3.284   -0.700  -0.542  1.00 15.81 ? 18   DA  B C5    1 
ATOM   358 C  C6    . DA  B 1 6  ? 1.960   -1.080  -0.742  1.00 13.45 ? 18   DA  B C6    1 
ATOM   359 N  N6    . DA  B 1 6  ? 1.552   -2.319  -0.484  1.00 17.48 ? 18   DA  B N6    1 
ATOM   360 N  N1    . DA  B 1 6  ? 1.126   -0.170  -1.276  1.00 14.33 ? 18   DA  B N1    1 
ATOM   361 C  C2    . DA  B 1 6  ? 1.587   1.022   -1.505  1.00 14.67 ? 18   DA  B C2    1 
ATOM   362 N  N3    . DA  B 1 6  ? 2.821   1.544   -1.441  1.00 15.16 ? 18   DA  B N3    1 
ATOM   363 C  C4    . DA  B 1 6  ? 3.617   0.598   -0.916  1.00 15.15 ? 18   DA  B C4    1 
ATOM   364 P  P     . DT  B 1 7  ? 7.889   5.383   0.369   1.00 16.56 ? 19   DT  B P     1 
ATOM   365 O  OP1   . DT  B 1 7  ? 8.378   6.610   -0.144  1.00 19.22 ? 19   DT  B OP1   1 
ATOM   366 O  OP2   . DT  B 1 7  ? 8.516   4.717   1.493   1.00 16.21 ? 19   DT  B OP2   1 
ATOM   367 O  "O5'" . DT  B 1 7  ? 6.365   5.556   0.763   1.00 16.06 ? 19   DT  B "O5'" 1 
ATOM   368 C  "C5'" . DT  B 1 7  ? 5.441   6.005   -0.222  1.00 16.72 ? 19   DT  B "C5'" 1 
ATOM   369 C  "C4'" . DT  B 1 7  ? 4.042   5.905   0.316   1.00 17.34 ? 19   DT  B "C4'" 1 
ATOM   370 O  "O4'" . DT  B 1 7  ? 3.788   4.465   0.424   1.00 14.68 ? 19   DT  B "O4'" 1 
ATOM   371 C  "C3'" . DT  B 1 7  ? 3.757   6.495   1.672   1.00 19.09 ? 19   DT  B "C3'" 1 
ATOM   372 O  "O3'" . DT  B 1 7  ? 3.115   7.722   1.392   1.00 22.88 ? 19   DT  B "O3'" 1 
ATOM   373 C  "C2'" . DT  B 1 7  ? 2.899   5.421   2.311   1.00 17.95 ? 19   DT  B "C2'" 1 
ATOM   374 C  "C1'" . DT  B 1 7  ? 2.626   4.390   1.243   1.00 14.78 ? 19   DT  B "C1'" 1 
ATOM   375 N  N1    . DT  B 1 7  ? 2.473   3.016   1.704   1.00 14.66 ? 19   DT  B N1    1 
ATOM   376 C  C2    . DT  B 1 7  ? 1.269   2.379   1.600   1.00 13.61 ? 19   DT  B C2    1 
ATOM   377 O  O2    . DT  B 1 7  ? 0.251   2.921   1.155   1.00 16.10 ? 19   DT  B O2    1 
ATOM   378 N  N3    . DT  B 1 7  ? 1.279   1.089   2.012   1.00 14.40 ? 19   DT  B N3    1 
ATOM   379 C  C4    . DT  B 1 7  ? 2.372   0.334   2.530   1.00 14.57 ? 19   DT  B C4    1 
ATOM   380 O  O4    . DT  B 1 7  ? 2.141   -0.867  2.816   1.00 17.33 ? 19   DT  B O4    1 
ATOM   381 C  C5    . DT  B 1 7  ? 3.592   1.095   2.627   1.00 14.55 ? 19   DT  B C5    1 
ATOM   382 C  C7    . DT  B 1 7  ? 4.829   0.418   3.163   1.00 19.02 ? 19   DT  B C7    1 
ATOM   383 C  C6    . DT  B 1 7  ? 3.614   2.374   2.239   1.00 14.07 ? 19   DT  B C6    1 
ATOM   384 P  P     . DT  B 1 8  ? 2.548   8.713   2.510   1.00 24.94 ? 20   DT  B P     1 
ATOM   385 O  OP1   . DT  B 1 8  ? 2.325   9.927   1.704   1.00 28.84 ? 20   DT  B OP1   1 
ATOM   386 O  OP2   . DT  B 1 8  ? 3.272   8.418   3.748   1.00 23.17 ? 20   DT  B OP2   1 
ATOM   387 O  "O5'" . DT  B 1 8  ? 1.057   8.168   2.794   1.00 23.39 ? 20   DT  B "O5'" 1 
ATOM   388 C  "C5'" . DT  B 1 8  ? 0.151   8.095   1.775   1.00 20.19 ? 20   DT  B "C5'" 1 
ATOM   389 C  "C4'" . DT  B 1 8  ? -1.042  7.504   2.440   1.00 19.77 ? 20   DT  B "C4'" 1 
ATOM   390 O  "O4'" . DT  B 1 8  ? -0.814  6.110   2.763   1.00 18.13 ? 20   DT  B "O4'" 1 
ATOM   391 C  "C3'" . DT  B 1 8  ? -1.518  8.070   3.749   1.00 22.60 ? 20   DT  B "C3'" 1 
ATOM   392 O  "O3'" . DT  B 1 8  ? -2.770  8.691   3.474   1.00 22.20 ? 20   DT  B "O3'" 1 
ATOM   393 C  "C2'" . DT  B 1 8  ? -1.594  6.919   4.764   1.00 18.99 ? 20   DT  B "C2'" 1 
ATOM   394 C  "C1'" . DT  B 1 8  ? -1.552  5.692   3.879   1.00 16.54 ? 20   DT  B "C1'" 1 
ATOM   395 N  N1    . DT  B 1 8  ? -0.930  4.472   4.367   1.00 17.91 ? 20   DT  B N1    1 
ATOM   396 C  C2    . DT  B 1 8  ? -1.620  3.289   4.387   1.00 15.62 ? 20   DT  B C2    1 
ATOM   397 O  O2    . DT  B 1 8  ? -2.803  3.176   4.093   1.00 19.57 ? 20   DT  B O2    1 
ATOM   398 N  N3    . DT  B 1 8  ? -0.868  2.231   4.828   1.00 15.43 ? 20   DT  B N3    1 
ATOM   399 C  C4    . DT  B 1 8  ? 0.466   2.222   5.158   1.00 15.14 ? 20   DT  B C4    1 
ATOM   400 O  O4    . DT  B 1 8  ? 1.034   1.183   5.532   1.00 19.97 ? 20   DT  B O4    1 
ATOM   401 C  C5    . DT  B 1 8  ? 1.090   3.496   5.185   1.00 15.10 ? 20   DT  B C5    1 
ATOM   402 C  C7    . DT  B 1 8  ? 2.510   3.674   5.585   1.00 17.22 ? 20   DT  B C7    1 
ATOM   403 C  C6    . DT  B 1 8  ? 0.433   4.555   4.749   1.00 16.67 ? 20   DT  B C6    1 
ATOM   404 P  P     . DT  B 1 9  ? -3.686  9.446   4.508   1.00 25.72 ? 21   DT  B P     1 
ATOM   405 O  OP1   . DT  B 1 9  ? -4.431  10.323  3.706   1.00 31.70 ? 21   DT  B OP1   1 
ATOM   406 O  OP2   . DT  B 1 9  ? -2.940  9.909   5.563   1.00 25.27 ? 21   DT  B OP2   1 
ATOM   407 O  "O5'" . DT  B 1 9  ? -4.637  8.400   5.139   1.00 24.67 ? 21   DT  B "O5'" 1 
ATOM   408 C  "C5'" . DT  B 1 9  ? -5.364  7.642   4.296   1.00 21.08 ? 21   DT  B "C5'" 1 
ATOM   409 C  "C4'" . DT  B 1 9  ? -5.995  6.493   5.024   1.00 22.29 ? 21   DT  B "C4'" 1 
ATOM   410 O  "O4'" . DT  B 1 9  ? -4.970  5.567   5.421   1.00 19.02 ? 21   DT  B "O4'" 1 
ATOM   411 C  "C3'" . DT  B 1 9  ? -6.720  6.887   6.299   1.00 23.19 ? 21   DT  B "C3'" 1 
ATOM   412 O  "O3'" . DT  B 1 9  ? -8.140  6.799   6.155   1.00 27.90 ? 21   DT  B "O3'" 1 
ATOM   413 C  "C2'" . DT  B 1 9  ? -6.144  5.963   7.346   1.00 24.02 ? 21   DT  B "C2'" 1 
ATOM   414 C  "C1'" . DT  B 1 9  ? -5.453  4.892   6.526   1.00 18.97 ? 21   DT  B "C1'" 1 
ATOM   415 N  N1    . DT  B 1 9  ? -4.215  4.298   7.097   1.00 20.96 ? 21   DT  B N1    1 
ATOM   416 C  C2    . DT  B 1 9  ? -4.087  2.963   7.258   1.00 18.57 ? 21   DT  B C2    1 
ATOM   417 O  O2    . DT  B 1 9  ? -4.951  2.173   7.037   1.00 20.16 ? 21   DT  B O2    1 
ATOM   418 N  N3    . DT  B 1 9  ? -2.887  2.584   7.714   1.00 19.34 ? 21   DT  B N3    1 
ATOM   419 C  C4    . DT  B 1 9  ? -1.819  3.356   7.987   1.00 17.07 ? 21   DT  B C4    1 
ATOM   420 O  O4    . DT  B 1 9  ? -0.810  2.927   8.374   1.00 20.31 ? 21   DT  B O4    1 
ATOM   421 C  C5    . DT  B 1 9  ? -2.016  4.751   7.788   1.00 19.59 ? 21   DT  B C5    1 
ATOM   422 C  C7    . DT  B 1 9  ? -0.962  5.692   8.200   1.00 22.33 ? 21   DT  B C7    1 
ATOM   423 C  C6    . DT  B 1 9  ? -3.195  5.160   7.342   1.00 20.18 ? 21   DT  B C6    1 
ATOM   424 P  P     . DG  B 1 10 ? -9.168  7.478   7.202   1.00 29.21 ? 22   DG  B P     1 
ATOM   425 O  OP1   . DG  B 1 10 ? -10.335 7.757   6.507   1.00 32.21 ? 22   DG  B OP1   1 
ATOM   426 O  OP2   . DG  B 1 10 ? -8.470  8.438   7.984   1.00 25.84 ? 22   DG  B OP2   1 
ATOM   427 O  "O5'" . DG  B 1 10 ? -9.457  6.370   8.250   1.00 24.91 ? 22   DG  B "O5'" 1 
ATOM   428 C  "C5'" . DG  B 1 10 ? -9.849  5.201   7.837   1.00 28.68 ? 22   DG  B "C5'" 1 
ATOM   429 C  "C4'" . DG  B 1 10 ? -9.703  4.248   9.000   1.00 27.04 ? 22   DG  B "C4'" 1 
ATOM   430 O  "O4'" . DG  B 1 10 ? -8.332  3.957   9.194   1.00 25.39 ? 22   DG  B "O4'" 1 
ATOM   431 C  "C3'" . DG  B 1 10 ? -10.214 4.728   10.337  1.00 28.22 ? 22   DG  B "C3'" 1 
ATOM   432 O  "O3'" . DG  B 1 10 ? -10.805 3.703   10.934  1.00 31.77 ? 22   DG  B "O3'" 1 
ATOM   433 C  "C2'" . DG  B 1 10 ? -8.982  5.030   11.124  1.00 26.56 ? 22   DG  B "C2'" 1 
ATOM   434 C  "C1'" . DG  B 1 10 ? -8.065  3.965   10.546  1.00 23.67 ? 22   DG  B "C1'" 1 
ATOM   435 N  N9    . DG  B 1 10 ? -6.660  4.227   10.669  1.00 23.19 ? 22   DG  B N9    1 
ATOM   436 C  C8    . DG  B 1 10 ? -6.031  5.399   10.678  1.00 22.70 ? 22   DG  B C8    1 
ATOM   437 N  N7    . DG  B 1 10 ? -4.772  5.270   10.851  1.00 24.42 ? 22   DG  B N7    1 
ATOM   438 C  C5    . DG  B 1 10 ? -4.518  3.923   10.914  1.00 19.66 ? 22   DG  B C5    1 
ATOM   439 C  C6    . DG  B 1 10 ? -3.328  3.190   11.065  1.00 18.10 ? 22   DG  B C6    1 
ATOM   440 O  O6    . DG  B 1 10 ? -2.213  3.576   11.167  1.00 19.72 ? 22   DG  B O6    1 
ATOM   441 N  N1    . DG  B 1 10 ? -3.619  1.857   11.123  1.00 17.32 ? 22   DG  B N1    1 
ATOM   442 C  C2    . DG  B 1 10 ? -4.825  1.326   11.001  1.00 17.59 ? 22   DG  B C2    1 
ATOM   443 N  N2    . DG  B 1 10 ? -4.926  0.013   11.062  1.00 18.20 ? 22   DG  B N2    1 
ATOM   444 N  N3    . DG  B 1 10 ? -5.923  1.989   10.844  1.00 18.97 ? 22   DG  B N3    1 
ATOM   445 C  C4    . DG  B 1 10 ? -5.691  3.279   10.807  1.00 19.97 ? 22   DG  B C4    1 
ATOM   446 P  P     . DC  B 1 11 ? -12.167 3.788   11.631  1.00 37.08 ? 23   DC  B P     1 
ATOM   447 O  OP1   . DC  B 1 11 ? -13.055 3.640   10.558  1.00 38.67 ? 23   DC  B OP1   1 
ATOM   448 O  OP2   . DC  B 1 11 ? -12.176 4.671   12.740  1.00 31.88 ? 23   DC  B OP2   1 
ATOM   449 O  "O5'" . DC  B 1 11 ? -12.331 2.332   12.164  1.00 32.52 ? 23   DC  B "O5'" 1 
ATOM   450 C  "C5'" . DC  B 1 11 ? -12.363 1.266   11.336  1.00 27.98 ? 23   DC  B "C5'" 1 
ATOM   451 C  "C4'" . DC  B 1 11 ? -11.544 0.106   11.884  1.00 29.04 ? 23   DC  B "C4'" 1 
ATOM   452 O  "O4'" . DC  B 1 11 ? -10.190 0.546   11.866  1.00 27.60 ? 23   DC  B "O4'" 1 
ATOM   453 C  "C3'" . DC  B 1 11 ? -11.935 -0.216  13.303  1.00 28.70 ? 23   DC  B "C3'" 1 
ATOM   454 O  "O3'" . DC  B 1 11 ? -12.279 -1.542  13.555  1.00 30.76 ? 23   DC  B "O3'" 1 
ATOM   455 C  "C2'" . DC  B 1 11 ? -10.710 0.174   14.038  1.00 30.01 ? 23   DC  B "C2'" 1 
ATOM   456 C  "C1'" . DC  B 1 11 ? -9.566  0.147   13.043  1.00 25.46 ? 23   DC  B "C1'" 1 
ATOM   457 N  N1    . DC  B 1 11 ? -8.570  1.158   13.473  1.00 20.56 ? 23   DC  B N1    1 
ATOM   458 C  C2    . DC  B 1 11 ? -7.257  0.806   13.677  1.00 18.57 ? 23   DC  B C2    1 
ATOM   459 O  O2    . DC  B 1 11 ? -6.916  -0.309  13.492  1.00 21.75 ? 23   DC  B O2    1 
ATOM   460 N  N3    . DC  B 1 11 ? -6.407  1.709   14.070  1.00 17.73 ? 23   DC  B N3    1 
ATOM   461 C  C4    . DC  B 1 11 ? -6.795  2.914   14.255  1.00 21.61 ? 23   DC  B C4    1 
ATOM   462 N  N4    . DC  B 1 11 ? -5.895  3.764   14.613  1.00 24.14 ? 23   DC  B N4    1 
ATOM   463 C  C5    . DC  B 1 11 ? -8.141  3.302   14.078  1.00 21.45 ? 23   DC  B C5    1 
ATOM   464 C  C6    . DC  B 1 11 ? -8.979  2.403   13.697  1.00 22.29 ? 23   DC  B C6    1 
ATOM   465 P  P     . DG  B 1 12 ? -13.126 -1.774  14.853  1.00 29.83 ? 24   DG  B P     1 
ATOM   466 O  OP1   . DG  B 1 12 ? -14.071 -2.807  14.356  1.00 32.92 ? 24   DG  B OP1   1 
ATOM   467 O  OP2   . DG  B 1 12 ? -13.264 -0.635  15.679  1.00 22.58 ? 24   DG  B OP2   1 
ATOM   468 O  "O5'" . DG  B 1 12 ? -12.131 -2.604  15.828  1.00 23.31 ? 24   DG  B "O5'" 1 
ATOM   469 C  "C5'" . DG  B 1 12 ? -11.643 -3.859  15.293  1.00 22.67 ? 24   DG  B "C5'" 1 
ATOM   470 C  "C4'" . DG  B 1 12 ? -10.303 -4.204  15.911  1.00 18.62 ? 24   DG  B "C4'" 1 
ATOM   471 O  "O4'" . DG  B 1 12 ? -9.325  -3.233  15.469  1.00 17.19 ? 24   DG  B "O4'" 1 
ATOM   472 C  "C3'" . DG  B 1 12 ? -10.349 -4.166  17.398  1.00 18.21 ? 24   DG  B "C3'" 1 
ATOM   473 O  "O3'" . DG  B 1 12 ? -10.828 -5.383  17.996  1.00 21.47 ? 24   DG  B "O3'" 1 
ATOM   474 C  "C2'" . DG  B 1 12 ? -8.894  -3.914  17.728  1.00 16.60 ? 24   DG  B "C2'" 1 
ATOM   475 C  "C1'" . DG  B 1 12 ? -8.448  -3.078  16.558  1.00 14.01 ? 24   DG  B "C1'" 1 
ATOM   476 N  N9    . DG  B 1 12 ? -8.359  -1.628  16.865  1.00 15.13 ? 24   DG  B N9    1 
ATOM   477 C  C8    . DG  B 1 12 ? -9.420  -0.741  16.708  1.00 17.96 ? 24   DG  B C8    1 
ATOM   478 N  N7    . DG  B 1 12 ? -9.100  0.501   16.937  1.00 17.17 ? 24   DG  B N7    1 
ATOM   479 C  C5    . DG  B 1 12 ? -7.744  0.428   17.203  1.00 16.24 ? 24   DG  B C5    1 
ATOM   480 C  C6    . DG  B 1 12 ? -6.826  1.486   17.512  1.00 18.10 ? 24   DG  B C6    1 
ATOM   481 O  O6    . DG  B 1 12 ? -7.059  2.691   17.605  1.00 17.33 ? 24   DG  B O6    1 
ATOM   482 N  N1    . DG  B 1 12 ? -5.557  1.034   17.715  1.00 15.04 ? 24   DG  B N1    1 
ATOM   483 C  C2    . DG  B 1 12 ? -5.140  -0.307  17.740  1.00 15.10 ? 24   DG  B C2    1 
ATOM   484 N  N2    . DG  B 1 12 ? -3.889  -0.591  18.008  1.00 13.84 ? 24   DG  B N2    1 
ATOM   485 N  N3    . DG  B 1 12 ? -6.027  -1.283  17.463  1.00 13.40 ? 24   DG  B N3    1 
ATOM   486 C  C4    . DG  B 1 12 ? -7.267  -0.855  17.178  1.00 15.24 ? 24   DG  B C4    1 
HETATM 487 C  C1    . D2A C 2 .  ? -8.492  4.621   2.553   1.00 34.77 ? 1013 D2A A C1    1 
HETATM 488 C  C2    . D2A C 2 .  ? -7.334  4.983   1.884   1.00 29.41 ? 1013 D2A A C2    1 
HETATM 489 C  C3    . D2A C 2 .  ? -6.106  4.391   2.175   1.00 26.09 ? 1013 D2A A C3    1 
HETATM 490 C  C4    . D2A C 2 .  ? -6.029  3.327   3.094   1.00 27.24 ? 1013 D2A A C4    1 
HETATM 491 C  C5    . D2A C 2 .  ? -7.196  2.937   3.749   1.00 32.57 ? 1013 D2A A C5    1 
HETATM 492 C  C6    . D2A C 2 .  ? -8.430  3.584   3.493   1.00 35.51 ? 1013 D2A A C6    1 
HETATM 493 C  C7    . D2A C 2 .  ? -4.988  4.757   1.466   1.00 24.82 ? 1013 D2A A C7    1 
HETATM 494 C  C8    . D2A C 2 .  ? -3.980  3.868   1.326   1.00 22.64 ? 1013 D2A A C8    1 
HETATM 495 C  C9    . D2A C 2 .  ? -2.891  4.245   0.600   1.00 27.65 ? 1013 D2A A C9    1 
HETATM 496 C  C10   . D2A C 2 .  ? -2.767  5.442   -0.036  1.00 27.32 ? 1013 D2A A C10   1 
HETATM 497 C  C11   . D2A C 2 .  ? -3.787  6.390   0.073   1.00 26.33 ? 1013 D2A A C11   1 
HETATM 498 C  C12   . D2A C 2 .  ? -4.905  6.022   0.833   1.00 23.53 ? 1013 D2A A C12   1 
HETATM 499 C  C13   . D2A C 2 .  ? -1.594  5.706   -0.752  1.00 25.54 ? 1013 D2A A C13   1 
HETATM 500 N  N14   . D2A C 2 .  ? -1.099  6.862   -1.133  1.00 27.51 ? 1013 D2A A N14   1 
HETATM 501 C  C15   . D2A C 2 .  ? 0.074   6.613   -1.734  1.00 21.59 ? 1013 D2A A C15   1 
HETATM 502 C  C16   . D2A C 2 .  ? 0.313   5.248   -1.725  1.00 19.50 ? 1013 D2A A C16   1 
HETATM 503 N  N17   . D2A C 2 .  ? -0.697  4.738   -1.081  1.00 24.28 ? 1013 D2A A N17   1 
HETATM 504 C  C18   . D2A C 2 .  ? 1.520   4.714   -2.265  1.00 20.94 ? 1013 D2A A C18   1 
HETATM 505 C  C19   . D2A C 2 .  ? 1.002   7.433   -2.291  1.00 24.92 ? 1013 D2A A C19   1 
HETATM 506 C  C20   . D2A C 2 .  ? 2.121   6.874   -2.864  1.00 22.47 ? 1013 D2A A C20   1 
HETATM 507 C  C21   . D2A C 2 .  ? 2.445   5.520   -2.897  1.00 20.98 ? 1013 D2A A C21   1 
HETATM 508 C  C22   . D2A C 2 .  ? 3.687   5.087   -3.492  1.00 19.18 ? 1013 D2A A C22   1 
HETATM 509 N  N23   . D2A C 2 .  ? 4.743   5.903   -3.757  1.00 26.66 ? 1013 D2A A N23   1 
HETATM 510 N  N24   . D2A C 2 .  ? 3.694   3.845   -3.884  1.00 23.36 ? 1013 D2A A N24   1 
HETATM 511 C  C25   . D2A C 2 .  ? -9.592  3.202   4.149   1.00 41.00 ? 1013 D2A A C25   1 
HETATM 512 N  N26   . D2A C 2 .  ? -10.779 3.385   3.530   1.00 42.93 ? 1013 D2A A N26   1 
HETATM 513 N  N27   . D2A C 2 .  ? -9.535  2.617   5.365   1.00 41.57 ? 1013 D2A A N27   1 
HETATM 514 MG MG    . MG  D 3 .  ? -0.345  0.901   -14.936 1.00 16.43 ? 2000 MG  B MG    1 
HETATM 515 O  O     . HOH E 4 .  ? -0.635  6.608   22.255  1.00 33.21 ? 2001 HOH A O     1 
HETATM 516 O  O     . HOH E 4 .  ? 0.292   7.828   19.410  1.00 34.70 ? 2002 HOH A O     1 
HETATM 517 O  O     . HOH E 4 .  ? 1.857   8.125   17.573  1.00 45.46 ? 2003 HOH A O     1 
HETATM 518 O  O     . HOH E 4 .  ? 3.058   -8.227  16.450  1.00 38.70 ? 2004 HOH A O     1 
HETATM 519 O  O     . HOH E 4 .  ? -4.114  7.359   16.471  1.00 33.11 ? 2005 HOH A O     1 
HETATM 520 O  O     . HOH E 4 .  ? 3.101   6.461   8.425   1.00 34.63 ? 2006 HOH A O     1 
HETATM 521 O  O     . HOH E 4 .  ? -5.897  -8.554  0.850   1.00 51.56 ? 2007 HOH A O     1 
HETATM 522 O  O     . HOH E 4 .  ? 5.505   1.754   21.130  1.00 38.14 ? 2008 HOH A O     1 
HETATM 523 O  O     . HOH E 4 .  ? 3.303   5.483   15.715  1.00 42.73 ? 2009 HOH A O     1 
HETATM 524 O  O     . HOH E 4 .  ? 4.001   -5.944  17.334  1.00 24.97 ? 2010 HOH A O     1 
HETATM 525 O  O     . HOH E 4 .  ? -2.187  5.403   15.296  1.00 37.18 ? 2011 HOH A O     1 
HETATM 526 O  O     . HOH E 4 .  ? 0.701   4.818   14.192  1.00 33.50 ? 2012 HOH A O     1 
HETATM 527 O  O     . HOH E 4 .  ? -4.589  0.698   -9.149  1.00 34.80 ? 2013 HOH A O     1 
HETATM 528 O  O     . HOH E 4 .  ? -5.791  -3.435  -5.831  1.00 35.03 ? 2014 HOH A O     1 
HETATM 529 O  O     A HOH E 4 .  ? -2.618  -3.518  -9.175  0.50 24.49 ? 2015 HOH A O     1 
HETATM 530 O  O     B HOH E 4 .  ? -1.943  7.773   -12.980 0.50 22.98 ? 2015 HOH A O     1 
HETATM 531 O  O     . HOH E 4 .  ? -1.943  7.773   -12.980 1.00 36.68 ? 2016 HOH A O     1 
HETATM 532 O  O     . HOH E 4 .  ? -2.717  -0.322  -11.931 1.00 35.05 ? 2017 HOH A O     1 
HETATM 533 O  O     . HOH E 4 .  ? 5.760   6.204   -14.111 1.00 32.73 ? 2018 HOH A O     1 
HETATM 534 O  O     . HOH E 4 .  ? 3.017   5.253   -15.488 1.00 40.93 ? 2019 HOH A O     1 
HETATM 535 O  O     . HOH E 4 .  ? 14.104  5.209   -6.071  1.00 44.54 ? 2020 HOH A O     1 
HETATM 536 O  O     . HOH E 4 .  ? 13.725  0.106   -6.073  1.00 35.99 ? 2021 HOH A O     1 
HETATM 537 O  O     . HOH E 4 .  ? 6.152   -0.011  14.007  1.00 46.11 ? 2022 HOH A O     1 
HETATM 538 O  O     . HOH E 4 .  ? 3.845   -2.251  10.859  1.00 33.41 ? 2023 HOH A O     1 
HETATM 539 O  O     . HOH E 4 .  ? 1.667   3.918   9.504   1.00 27.16 ? 2024 HOH A O     1 
HETATM 540 O  O     . HOH E 4 .  ? 3.599   -5.659  8.785   1.00 36.55 ? 2025 HOH A O     1 
HETATM 541 O  O     A HOH E 4 .  ? -5.959  -9.374  9.546   0.50 25.41 ? 2026 HOH A O     1 
HETATM 542 O  O     B HOH E 4 .  ? -6.656  -7.925  9.881   0.50 20.67 ? 2026 HOH A O     1 
HETATM 543 O  O     . HOH E 4 .  ? -6.773  -2.656  7.792   1.00 29.13 ? 2028 HOH A O     1 
HETATM 544 O  O     . HOH E 4 .  ? -8.091  -10.772 6.391   1.00 24.41 ? 2029 HOH A O     1 
HETATM 545 O  O     A HOH E 4 .  ? -10.308 -7.207  5.072   0.50 21.31 ? 2030 HOH A O     1 
HETATM 546 O  O     B HOH E 4 .  ? -10.231 -7.768  6.330   0.50 30.68 ? 2030 HOH A O     1 
HETATM 547 O  O     . HOH E 4 .  ? 1.561   -4.403  4.961   1.00 37.31 ? 2031 HOH A O     1 
HETATM 548 O  O     . HOH E 4 .  ? -7.171  -0.628  5.625   1.00 28.99 ? 2032 HOH A O     1 
HETATM 549 O  O     . HOH E 4 .  ? -11.567 -3.211  0.120   1.00 36.89 ? 2033 HOH A O     1 
HETATM 550 O  O     . HOH E 4 .  ? -7.061  -4.661  -0.538  1.00 27.95 ? 2034 HOH A O     1 
HETATM 551 O  O     . HOH E 4 .  ? -8.348  -8.216  0.924   1.00 26.78 ? 2035 HOH A O     1 
HETATM 552 O  O     . HOH E 4 .  ? -2.667  -5.353  0.764   1.00 37.58 ? 2036 HOH A O     1 
HETATM 553 O  O     . HOH E 4 .  ? -10.123 -3.091  -1.853  1.00 41.03 ? 2037 HOH A O     1 
HETATM 554 O  O     . HOH E 4 .  ? -7.165  -0.406  -3.848  1.00 29.42 ? 2038 HOH A O     1 
HETATM 555 O  O     . HOH E 4 .  ? -6.250  7.571   -3.320  1.00 35.33 ? 2039 HOH A O     1 
HETATM 556 O  O     . HOH E 4 .  ? -4.982  8.282   -7.096  1.00 45.67 ? 2040 HOH A O     1 
HETATM 557 O  O     . HOH E 4 .  ? -4.221  3.248   -7.824  1.00 29.86 ? 2041 HOH A O     1 
HETATM 558 O  O     . HOH E 4 .  ? -8.058  1.415   -5.728  1.00 35.76 ? 2042 HOH A O     1 
HETATM 559 O  O     . HOH E 4 .  ? -2.664  -3.640  -5.696  1.00 25.33 ? 2043 HOH A O     1 
HETATM 560 O  O     . HOH E 4 .  ? -7.232  7.286   -6.999  1.00 34.26 ? 2044 HOH A O     1 
HETATM 561 O  O     . HOH E 4 .  ? -0.403  5.608   -10.887 1.00 38.98 ? 2045 HOH A O     1 
HETATM 562 O  O     A HOH E 4 .  ? 5.701   2.017   -4.949  0.50 19.43 ? 2046 HOH A O     1 
HETATM 563 O  O     B HOH E 4 .  ? 6.964   0.828   -5.260  0.50 16.44 ? 2046 HOH A O     1 
HETATM 564 O  O     . HOH E 4 .  ? -2.240  -0.978  -9.204  1.00 24.47 ? 2048 HOH A O     1 
HETATM 565 O  O     . HOH E 4 .  ? 2.667   9.863   -10.074 1.00 23.43 ? 2049 HOH A O     1 
HETATM 566 O  O     . HOH E 4 .  ? 4.416   6.744   -12.073 1.00 26.35 ? 2050 HOH A O     1 
HETATM 567 O  O     . HOH E 4 .  ? 7.914   2.830   -6.102  1.00 34.87 ? 2051 HOH A O     1 
HETATM 568 O  O     . HOH E 4 .  ? 7.646   0.620   -8.225  1.00 23.40 ? 2052 HOH A O     1 
HETATM 569 O  O     . HOH E 4 .  ? 1.143   4.064   -12.774 1.00 25.49 ? 2053 HOH A O     1 
HETATM 570 O  O     . HOH E 4 .  ? -0.417  1.037   -12.866 1.00 18.91 ? 2054 HOH A O     1 
HETATM 571 O  O     . HOH E 4 .  ? 1.723   0.787   -14.830 1.00 16.08 ? 2055 HOH A O     1 
HETATM 572 O  O     . HOH E 4 .  ? 10.980  5.369   -6.887  1.00 37.11 ? 2056 HOH A O     1 
HETATM 573 O  O     . HOH E 4 .  ? 12.669  -1.856  -5.735  1.00 42.10 ? 2057 HOH A O     1 
HETATM 574 O  O     . HOH E 4 .  ? 14.947  -1.050  -11.911 1.00 34.63 ? 2058 HOH A O     1 
HETATM 575 O  O     . HOH E 4 .  ? 5.798   3.790   -15.113 1.00 23.04 ? 2059 HOH A O     1 
HETATM 576 O  O     . HOH E 4 .  ? 8.823   1.481   -17.455 1.00 36.22 ? 2060 HOH A O     1 
HETATM 577 O  O     . HOH E 4 .  ? 10.890  1.480   -15.703 1.00 27.53 ? 2061 HOH A O     1 
HETATM 578 O  O     . HOH E 4 .  ? -2.254  9.318   -1.131  1.00 33.19 ? 2062 HOH A O     1 
HETATM 579 O  O     . HOH E 4 .  ? 7.284   5.194   -5.008  1.00 31.88 ? 2063 HOH A O     1 
HETATM 580 O  O     . HOH E 4 .  ? -12.173 1.539   7.427   1.00 35.99 ? 2064 HOH A O     1 
HETATM 581 O  O     . HOH F 4 .  ? -4.523  -0.681  -14.781 1.00 26.98 ? 2001 HOH B O     1 
HETATM 582 O  O     . HOH F 4 .  ? 0.880   2.731   -18.834 1.00 21.96 ? 2002 HOH B O     1 
HETATM 583 O  O     . HOH F 4 .  ? -2.771  -5.684  -12.353 1.00 38.57 ? 2003 HOH B O     1 
HETATM 584 O  O     . HOH F 4 .  ? -5.839  -5.234  -16.128 1.00 37.05 ? 2004 HOH B O     1 
HETATM 585 O  O     . HOH F 4 .  ? 7.984   1.785   5.279   1.00 35.95 ? 2005 HOH B O     1 
HETATM 586 O  O     . HOH F 4 .  ? -10.922 -2.493  9.427   1.00 42.96 ? 2006 HOH B O     1 
HETATM 587 O  O     . HOH F 4 .  ? 3.266   2.650   -16.345 1.00 26.67 ? 2007 HOH B O     1 
HETATM 588 O  O     . HOH F 4 .  ? 1.618   -0.720  -22.819 1.00 30.45 ? 2008 HOH B O     1 
HETATM 589 O  O     . HOH F 4 .  ? -1.819  -10.777 -17.274 1.00 33.62 ? 2009 HOH B O     1 
HETATM 590 O  O     . HOH F 4 .  ? -2.130  -5.347  -15.309 1.00 28.45 ? 2010 HOH B O     1 
HETATM 591 O  O     . HOH F 4 .  ? -5.570  -7.812  -17.056 1.00 42.35 ? 2011 HOH B O     1 
HETATM 592 O  O     . HOH F 4 .  ? -4.164  -4.965  -19.053 1.00 30.15 ? 2012 HOH B O     1 
HETATM 593 O  O     . HOH F 4 .  ? 0.528   -12.869 -15.186 1.00 27.67 ? 2013 HOH B O     1 
HETATM 594 O  O     . HOH F 4 .  ? -0.510  -1.086  -14.999 1.00 16.58 ? 2014 HOH B O     1 
HETATM 595 O  O     . HOH F 4 .  ? -1.410  -13.515 -12.989 1.00 38.43 ? 2015 HOH B O     1 
HETATM 596 O  O     . HOH F 4 .  ? -2.703  -9.394  -14.496 1.00 42.73 ? 2016 HOH B O     1 
HETATM 597 O  O     . HOH F 4 .  ? -1.665  -7.757  -11.077 1.00 29.70 ? 2017 HOH B O     1 
HETATM 598 O  O     . HOH F 4 .  ? -2.323  -3.362  -12.057 1.00 40.03 ? 2018 HOH B O     1 
HETATM 599 O  O     . HOH F 4 .  ? -0.438  -7.533  -8.404  1.00 34.33 ? 2019 HOH B O     1 
HETATM 600 O  O     . HOH F 4 .  ? 11.296  -8.798  -3.744  1.00 28.58 ? 2020 HOH B O     1 
HETATM 601 O  O     . HOH F 4 .  ? 10.970  -5.469  -0.380  1.00 37.87 ? 2021 HOH B O     1 
HETATM 602 O  O     . HOH F 4 .  ? 5.707   -8.990  -0.681  1.00 42.35 ? 2022 HOH B O     1 
HETATM 603 O  O     . HOH F 4 .  ? 6.221   -5.684  0.605   1.00 40.44 ? 2023 HOH B O     1 
HETATM 604 O  O     . HOH F 4 .  ? 8.839   -0.874  -6.165  1.00 25.09 ? 2024 HOH B O     1 
HETATM 605 O  O     . HOH F 4 .  ? 11.108  0.100   -5.222  1.00 32.48 ? 2025 HOH B O     1 
HETATM 606 O  O     . HOH F 4 .  ? 2.468   -6.205  -2.030  1.00 34.95 ? 2026 HOH B O     1 
HETATM 607 O  O     . HOH F 4 .  ? 12.311  -7.092  -2.105  1.00 25.08 ? 2027 HOH B O     1 
HETATM 608 O  O     . HOH F 4 .  ? 14.224  0.248   -1.685  1.00 27.92 ? 2028 HOH B O     1 
HETATM 609 O  O     . HOH F 4 .  ? 8.325   -0.743  1.461   1.00 21.10 ? 2029 HOH B O     1 
HETATM 610 O  O     . HOH F 4 .  ? 4.224   -3.772  1.018   1.00 27.98 ? 2030 HOH B O     1 
HETATM 611 O  O     . HOH F 4 .  ? 6.737   3.618   3.449   1.00 21.92 ? 2031 HOH B O     1 
HETATM 612 O  O     . HOH F 4 .  ? 3.326   -3.003  3.622   1.00 37.38 ? 2032 HOH B O     1 
HETATM 613 O  O     . HOH F 4 .  ? 11.074  6.641   -0.455  1.00 21.59 ? 2033 HOH B O     1 
HETATM 614 O  O     . HOH F 4 .  ? 1.745   7.483   6.165   1.00 28.76 ? 2034 HOH B O     1 
HETATM 615 O  O     . HOH F 4 .  ? 3.287   0.310   6.773   1.00 28.15 ? 2035 HOH B O     1 
HETATM 616 O  O     . HOH F 4 .  ? -7.116  0.762   8.263   1.00 38.13 ? 2036 HOH B O     1 
HETATM 617 O  O     . HOH F 4 .  ? -6.515  10.100  1.198   1.00 46.11 ? 2037 HOH B O     1 
HETATM 618 O  O     . HOH F 4 .  ? -3.043  7.497   10.651  1.00 29.19 ? 2038 HOH B O     1 
HETATM 619 O  O     . HOH F 4 .  ? -13.565 4.390   8.044   1.00 42.00 ? 2039 HOH B O     1 
HETATM 620 O  O     A HOH F 4 .  ? -10.740 6.278   14.477  0.50 25.63 ? 2040 HOH B O     1 
HETATM 621 O  O     B HOH F 4 .  ? -10.542 5.016   15.553  0.50 26.09 ? 2040 HOH B O     1 
HETATM 622 O  O     . HOH F 4 .  ? -12.833 -2.966  11.234  1.00 34.02 ? 2042 HOH B O     1 
HETATM 623 O  O     . HOH F 4 .  ? -6.915  6.461   15.935  1.00 33.85 ? 2043 HOH B O     1 
HETATM 624 O  O     . HOH F 4 .  ? -11.206 2.249   16.930  1.00 31.20 ? 2044 HOH B O     1 
HETATM 625 O  O     A HOH F 4 .  ? -8.934  4.763   17.414  0.50 20.35 ? 2045 HOH B O     1 
HETATM 626 O  O     B HOH F 4 .  ? -9.876  5.371   18.862  0.50 19.37 ? 2045 HOH B O     1 
HETATM 627 O  O     . HOH F 4 .  ? -0.067  3.054   -14.870 1.00 17.75 ? 2047 HOH B O     1 
HETATM 628 O  O     . HOH F 4 .  ? -2.455  1.070   -14.954 1.00 18.34 ? 2048 HOH B O     1 
HETATM 629 O  O     . HOH F 4 .  ? -0.307  1.046   -17.012 1.00 16.71 ? 2049 HOH B O     1 
# 
loop_
_pdbx_poly_seq_scheme.asym_id 
_pdbx_poly_seq_scheme.entity_id 
_pdbx_poly_seq_scheme.seq_id 
_pdbx_poly_seq_scheme.mon_id 
_pdbx_poly_seq_scheme.ndb_seq_num 
_pdbx_poly_seq_scheme.pdb_seq_num 
_pdbx_poly_seq_scheme.auth_seq_num 
_pdbx_poly_seq_scheme.pdb_mon_id 
_pdbx_poly_seq_scheme.auth_mon_id 
_pdbx_poly_seq_scheme.pdb_strand_id 
_pdbx_poly_seq_scheme.pdb_ins_code 
_pdbx_poly_seq_scheme.hetero 
A 1 1  DC 1  1  1  DC DC A . n 
A 1 2  DG 2  2  2  DG DG A . n 
A 1 3  DC 3  3  3  DC DC A . n 
A 1 4  DA 4  4  4  DA DA A . n 
A 1 5  DA 5  5  5  DA DA A . n 
A 1 6  DA 6  6  6  DA DA A . n 
A 1 7  DT 7  7  7  DT DT A . n 
A 1 8  DT 8  8  8  DT DT A . n 
A 1 9  DT 9  9  9  DT DT A . n 
A 1 10 DG 10 10 10 DG DG A . n 
A 1 11 DC 11 11 11 DC DC A . n 
A 1 12 DG 12 12 12 DG DG A . n 
B 1 1  DC 1  13 13 DC DC B . n 
B 1 2  DG 2  14 14 DG DG B . n 
B 1 3  DC 3  15 15 DC DC B . n 
B 1 4  DA 4  16 16 DA DA B . n 
B 1 5  DA 5  17 17 DA DA B . n 
B 1 6  DA 6  18 18 DA DA B . n 
B 1 7  DT 7  19 19 DT DT B . n 
B 1 8  DT 8  20 20 DT DT B . n 
B 1 9  DT 9  21 21 DT DT B . n 
B 1 10 DG 10 22 22 DG DG B . n 
B 1 11 DC 11 23 23 DC DC B . n 
B 1 12 DG 12 24 24 DG DG B . n 
# 
loop_
_pdbx_nonpoly_scheme.asym_id 
_pdbx_nonpoly_scheme.entity_id 
_pdbx_nonpoly_scheme.mon_id 
_pdbx_nonpoly_scheme.ndb_seq_num 
_pdbx_nonpoly_scheme.pdb_seq_num 
_pdbx_nonpoly_scheme.auth_seq_num 
_pdbx_nonpoly_scheme.pdb_mon_id 
_pdbx_nonpoly_scheme.auth_mon_id 
_pdbx_nonpoly_scheme.pdb_strand_id 
_pdbx_nonpoly_scheme.pdb_ins_code 
C 2 D2A 1  1013 1013 D2A D2A A . 
D 3 MG  1  2000 2000 MG  MG  B . 
E 4 HOH 1  2001 2001 HOH HOH A . 
E 4 HOH 2  2002 2002 HOH HOH A . 
E 4 HOH 3  2003 2003 HOH HOH A . 
E 4 HOH 4  2004 2004 HOH HOH A . 
E 4 HOH 5  2005 2005 HOH HOH A . 
E 4 HOH 6  2006 2006 HOH HOH A . 
E 4 HOH 7  2007 2007 HOH HOH A . 
E 4 HOH 8  2008 2008 HOH HOH A . 
E 4 HOH 9  2009 2009 HOH HOH A . 
E 4 HOH 10 2010 2010 HOH HOH A . 
E 4 HOH 11 2011 2011 HOH HOH A . 
E 4 HOH 12 2012 2012 HOH HOH A . 
E 4 HOH 13 2013 2013 HOH HOH A . 
E 4 HOH 14 2014 2014 HOH HOH A . 
E 4 HOH 15 2015 2015 HOH HOH A . 
E 4 HOH 16 2016 2016 HOH HOH A . 
E 4 HOH 17 2017 2017 HOH HOH A . 
E 4 HOH 18 2018 2018 HOH HOH A . 
E 4 HOH 19 2019 2019 HOH HOH A . 
E 4 HOH 20 2020 2020 HOH HOH A . 
E 4 HOH 21 2021 2021 HOH HOH A . 
E 4 HOH 22 2022 2022 HOH HOH A . 
E 4 HOH 23 2023 2023 HOH HOH A . 
E 4 HOH 24 2024 2024 HOH HOH A . 
E 4 HOH 25 2025 2025 HOH HOH A . 
E 4 HOH 26 2026 2026 HOH HOH A . 
E 4 HOH 27 2028 2028 HOH HOH A . 
E 4 HOH 28 2029 2029 HOH HOH A . 
E 4 HOH 29 2030 2030 HOH HOH A . 
E 4 HOH 30 2031 2031 HOH HOH A . 
E 4 HOH 31 2032 2032 HOH HOH A . 
E 4 HOH 32 2033 2033 HOH HOH A . 
E 4 HOH 33 2034 2034 HOH HOH A . 
E 4 HOH 34 2035 2035 HOH HOH A . 
E 4 HOH 35 2036 2036 HOH HOH A . 
E 4 HOH 36 2037 2037 HOH HOH A . 
E 4 HOH 37 2038 2038 HOH HOH A . 
E 4 HOH 38 2039 2039 HOH HOH A . 
E 4 HOH 39 2040 2040 HOH HOH A . 
E 4 HOH 40 2041 2041 HOH HOH A . 
E 4 HOH 41 2042 2042 HOH HOH A . 
E 4 HOH 42 2043 2043 HOH HOH A . 
E 4 HOH 43 2044 2044 HOH HOH A . 
E 4 HOH 44 2045 2045 HOH HOH A . 
E 4 HOH 45 2046 2046 HOH HOH A . 
E 4 HOH 46 2048 2048 HOH HOH A . 
E 4 HOH 47 2049 2049 HOH HOH A . 
E 4 HOH 48 2050 2050 HOH HOH A . 
E 4 HOH 49 2051 2051 HOH HOH A . 
E 4 HOH 50 2052 2052 HOH HOH A . 
E 4 HOH 51 2053 2053 HOH HOH A . 
E 4 HOH 52 2054 2054 HOH HOH A . 
E 4 HOH 53 2055 2055 HOH HOH A . 
E 4 HOH 54 2056 2056 HOH HOH A . 
E 4 HOH 55 2057 2057 HOH HOH A . 
E 4 HOH 56 2058 2058 HOH HOH A . 
E 4 HOH 57 2059 2059 HOH HOH A . 
E 4 HOH 58 2060 2060 HOH HOH A . 
E 4 HOH 59 2061 2061 HOH HOH A . 
E 4 HOH 60 2062 2062 HOH HOH A . 
E 4 HOH 61 2063 2063 HOH HOH A . 
E 4 HOH 62 2064 2064 HOH HOH A . 
F 4 HOH 1  2001 2001 HOH HOH B . 
F 4 HOH 2  2002 2002 HOH HOH B . 
F 4 HOH 3  2003 2003 HOH HOH B . 
F 4 HOH 4  2004 2004 HOH HOH B . 
F 4 HOH 5  2005 2005 HOH HOH B . 
F 4 HOH 6  2006 2006 HOH HOH B . 
F 4 HOH 7  2007 2007 HOH HOH B . 
F 4 HOH 8  2008 2008 HOH HOH B . 
F 4 HOH 9  2009 2009 HOH HOH B . 
F 4 HOH 10 2010 2010 HOH HOH B . 
F 4 HOH 11 2011 2011 HOH HOH B . 
F 4 HOH 12 2012 2012 HOH HOH B . 
F 4 HOH 13 2013 2013 HOH HOH B . 
F 4 HOH 14 2014 2014 HOH HOH B . 
F 4 HOH 15 2015 2015 HOH HOH B . 
F 4 HOH 16 2016 2016 HOH HOH B . 
F 4 HOH 17 2017 2017 HOH HOH B . 
F 4 HOH 18 2018 2018 HOH HOH B . 
F 4 HOH 19 2019 2019 HOH HOH B . 
F 4 HOH 20 2020 2020 HOH HOH B . 
F 4 HOH 21 2021 2021 HOH HOH B . 
F 4 HOH 22 2022 2022 HOH HOH B . 
F 4 HOH 23 2023 2023 HOH HOH B . 
F 4 HOH 24 2024 2024 HOH HOH B . 
F 4 HOH 25 2025 2025 HOH HOH B . 
F 4 HOH 26 2026 2026 HOH HOH B . 
F 4 HOH 27 2027 2027 HOH HOH B . 
F 4 HOH 28 2028 2028 HOH HOH B . 
F 4 HOH 29 2029 2029 HOH HOH B . 
F 4 HOH 30 2030 2030 HOH HOH B . 
F 4 HOH 31 2031 2031 HOH HOH B . 
F 4 HOH 32 2032 2032 HOH HOH B . 
F 4 HOH 33 2033 2033 HOH HOH B . 
F 4 HOH 34 2034 2034 HOH HOH B . 
F 4 HOH 35 2035 2035 HOH HOH B . 
F 4 HOH 36 2036 2036 HOH HOH B . 
F 4 HOH 37 2037 2037 HOH HOH B . 
F 4 HOH 38 2038 2038 HOH HOH B . 
F 4 HOH 39 2039 2039 HOH HOH B . 
F 4 HOH 40 2040 2040 HOH HOH B . 
F 4 HOH 41 2042 2042 HOH HOH B . 
F 4 HOH 42 2043 2043 HOH HOH B . 
F 4 HOH 43 2044 2044 HOH HOH B . 
F 4 HOH 44 2045 2045 HOH HOH B . 
F 4 HOH 45 2047 2047 HOH HOH B . 
F 4 HOH 46 2048 2048 HOH HOH B . 
F 4 HOH 47 2049 2049 HOH HOH B . 
# 
_pdbx_struct_assembly.id                   1 
_pdbx_struct_assembly.details              author_and_software_defined_assembly 
_pdbx_struct_assembly.method_details       PISA 
_pdbx_struct_assembly.oligomeric_details   dimeric 
_pdbx_struct_assembly.oligomeric_count     2 
# 
_pdbx_struct_assembly_gen.assembly_id       1 
_pdbx_struct_assembly_gen.oper_expression   1 
_pdbx_struct_assembly_gen.asym_id_list      A,B,C,D,E,F 
# 
loop_
_pdbx_struct_assembly_prop.biol_id 
_pdbx_struct_assembly_prop.type 
_pdbx_struct_assembly_prop.value 
_pdbx_struct_assembly_prop.details 
1 'ABSA (A^2)' 1230 ? 
1 MORE         -9.2 ? 
1 'SSA (A^2)'  5080 ? 
# 
_pdbx_struct_oper_list.id                   1 
_pdbx_struct_oper_list.type                 'identity operation' 
_pdbx_struct_oper_list.name                 1_555 
_pdbx_struct_oper_list.symmetry_operation   x,y,z 
_pdbx_struct_oper_list.matrix[1][1]         1.0000000000 
_pdbx_struct_oper_list.matrix[1][2]         0.0000000000 
_pdbx_struct_oper_list.matrix[1][3]         0.0000000000 
_pdbx_struct_oper_list.vector[1]            0.0000000000 
_pdbx_struct_oper_list.matrix[2][1]         0.0000000000 
_pdbx_struct_oper_list.matrix[2][2]         1.0000000000 
_pdbx_struct_oper_list.matrix[2][3]         0.0000000000 
_pdbx_struct_oper_list.vector[2]            0.0000000000 
_pdbx_struct_oper_list.matrix[3][1]         0.0000000000 
_pdbx_struct_oper_list.matrix[3][2]         0.0000000000 
_pdbx_struct_oper_list.matrix[3][3]         1.0000000000 
_pdbx_struct_oper_list.vector[3]            0.0000000000 
# 
loop_
_pdbx_struct_conn_angle.id 
_pdbx_struct_conn_angle.ptnr1_label_atom_id 
_pdbx_struct_conn_angle.ptnr1_label_alt_id 
_pdbx_struct_conn_angle.ptnr1_label_asym_id 
_pdbx_struct_conn_angle.ptnr1_label_comp_id 
_pdbx_struct_conn_angle.ptnr1_label_seq_id 
_pdbx_struct_conn_angle.ptnr1_auth_atom_id 
_pdbx_struct_conn_angle.ptnr1_auth_asym_id 
_pdbx_struct_conn_angle.ptnr1_auth_comp_id 
_pdbx_struct_conn_angle.ptnr1_auth_seq_id 
_pdbx_struct_conn_angle.ptnr1_PDB_ins_code 
_pdbx_struct_conn_angle.ptnr1_symmetry 
_pdbx_struct_conn_angle.ptnr2_label_atom_id 
_pdbx_struct_conn_angle.ptnr2_label_alt_id 
_pdbx_struct_conn_angle.ptnr2_label_asym_id 
_pdbx_struct_conn_angle.ptnr2_label_comp_id 
_pdbx_struct_conn_angle.ptnr2_label_seq_id 
_pdbx_struct_conn_angle.ptnr2_auth_atom_id 
_pdbx_struct_conn_angle.ptnr2_auth_asym_id 
_pdbx_struct_conn_angle.ptnr2_auth_comp_id 
_pdbx_struct_conn_angle.ptnr2_auth_seq_id 
_pdbx_struct_conn_angle.ptnr2_PDB_ins_code 
_pdbx_struct_conn_angle.ptnr2_symmetry 
_pdbx_struct_conn_angle.ptnr3_label_atom_id 
_pdbx_struct_conn_angle.ptnr3_label_alt_id 
_pdbx_struct_conn_angle.ptnr3_label_asym_id 
_pdbx_struct_conn_angle.ptnr3_label_comp_id 
_pdbx_struct_conn_angle.ptnr3_label_seq_id 
_pdbx_struct_conn_angle.ptnr3_auth_atom_id 
_pdbx_struct_conn_angle.ptnr3_auth_asym_id 
_pdbx_struct_conn_angle.ptnr3_auth_comp_id 
_pdbx_struct_conn_angle.ptnr3_auth_seq_id 
_pdbx_struct_conn_angle.ptnr3_PDB_ins_code 
_pdbx_struct_conn_angle.ptnr3_symmetry 
_pdbx_struct_conn_angle.value 
_pdbx_struct_conn_angle.value_esd 
1  O ? E HOH . ? A HOH 2054 ? 1_555 MG ? D MG . ? B MG 2000 ? 1_555 O ? E HOH . ? A HOH 2055 ? 1_555 89.3  ? 
2  O ? E HOH . ? A HOH 2054 ? 1_555 MG ? D MG . ? B MG 2000 ? 1_555 O ? F HOH . ? B HOH 2014 ? 1_555 95.4  ? 
3  O ? E HOH . ? A HOH 2055 ? 1_555 MG ? D MG . ? B MG 2000 ? 1_555 O ? F HOH . ? B HOH 2014 ? 1_555 91.7  ? 
4  O ? E HOH . ? A HOH 2054 ? 1_555 MG ? D MG . ? B MG 2000 ? 1_555 O ? F HOH . ? B HOH 2047 ? 1_555 84.8  ? 
5  O ? E HOH . ? A HOH 2055 ? 1_555 MG ? D MG . ? B MG 2000 ? 1_555 O ? F HOH . ? B HOH 2047 ? 1_555 85.7  ? 
6  O ? F HOH . ? B HOH 2014 ? 1_555 MG ? D MG . ? B MG 2000 ? 1_555 O ? F HOH . ? B HOH 2047 ? 1_555 177.4 ? 
7  O ? E HOH . ? A HOH 2054 ? 1_555 MG ? D MG . ? B MG 2000 ? 1_555 O ? F HOH . ? B HOH 2048 ? 1_555 88.2  ? 
8  O ? E HOH . ? A HOH 2055 ? 1_555 MG ? D MG . ? B MG 2000 ? 1_555 O ? F HOH . ? B HOH 2048 ? 1_555 177.2 ? 
9  O ? F HOH . ? B HOH 2014 ? 1_555 MG ? D MG . ? B MG 2000 ? 1_555 O ? F HOH . ? B HOH 2048 ? 1_555 89.8  ? 
10 O ? F HOH . ? B HOH 2047 ? 1_555 MG ? D MG . ? B MG 2000 ? 1_555 O ? F HOH . ? B HOH 2048 ? 1_555 92.8  ? 
11 O ? E HOH . ? A HOH 2054 ? 1_555 MG ? D MG . ? B MG 2000 ? 1_555 O ? F HOH . ? B HOH 2049 ? 1_555 172.2 ? 
12 O ? E HOH . ? A HOH 2055 ? 1_555 MG ? D MG . ? B MG 2000 ? 1_555 O ? F HOH . ? B HOH 2049 ? 1_555 92.1  ? 
13 O ? F HOH . ? B HOH 2014 ? 1_555 MG ? D MG . ? B MG 2000 ? 1_555 O ? F HOH . ? B HOH 2049 ? 1_555 92.3  ? 
14 O ? F HOH . ? B HOH 2047 ? 1_555 MG ? D MG . ? B MG 2000 ? 1_555 O ? F HOH . ? B HOH 2049 ? 1_555 87.6  ? 
15 O ? F HOH . ? B HOH 2048 ? 1_555 MG ? D MG . ? B MG 2000 ? 1_555 O ? F HOH . ? B HOH 2049 ? 1_555 90.2  ? 
# 
loop_
_pdbx_audit_revision_history.ordinal 
_pdbx_audit_revision_history.data_content_type 
_pdbx_audit_revision_history.major_revision 
_pdbx_audit_revision_history.minor_revision 
_pdbx_audit_revision_history.revision_date 
1 'Structure model' 1 0 2013-01-16 
2 'Structure model' 1 1 2019-01-30 
3 'Structure model' 1 2 2023-12-20 
# 
_pdbx_audit_revision_details.ordinal             1 
_pdbx_audit_revision_details.revision_ordinal    1 
_pdbx_audit_revision_details.data_content_type   'Structure model' 
_pdbx_audit_revision_details.provider            repository 
_pdbx_audit_revision_details.type                'Initial release' 
_pdbx_audit_revision_details.description         ? 
_pdbx_audit_revision_details.details             ? 
# 
loop_
_pdbx_audit_revision_group.ordinal 
_pdbx_audit_revision_group.revision_ordinal 
_pdbx_audit_revision_group.data_content_type 
_pdbx_audit_revision_group.group 
1 2 'Structure model' 'Data collection'          
2 2 'Structure model' 'Experimental preparation' 
3 2 'Structure model' Other                      
4 3 'Structure model' 'Data collection'          
5 3 'Structure model' 'Database references'      
6 3 'Structure model' 'Derived calculations'     
7 3 'Structure model' Other                      
8 3 'Structure model' 'Refinement description'   
# 
loop_
_pdbx_audit_revision_category.ordinal 
_pdbx_audit_revision_category.revision_ordinal 
_pdbx_audit_revision_category.data_content_type 
_pdbx_audit_revision_category.category 
1  2 'Structure model' database_PDB_rev              
2  2 'Structure model' database_PDB_rev_record       
3  2 'Structure model' exptl_crystal_grow            
4  2 'Structure model' pdbx_database_proc            
5  2 'Structure model' pdbx_database_status          
6  2 'Structure model' pdbx_seq_map_depositor_info   
7  2 'Structure model' struct_biol                   
8  3 'Structure model' chem_comp_atom                
9  3 'Structure model' chem_comp_bond                
10 3 'Structure model' database_2                    
11 3 'Structure model' pdbx_database_status          
12 3 'Structure model' pdbx_initial_refinement_model 
13 3 'Structure model' pdbx_struct_conn_angle        
14 3 'Structure model' struct_conn                   
15 3 'Structure model' struct_site                   
# 
loop_
_pdbx_audit_revision_item.ordinal 
_pdbx_audit_revision_item.revision_ordinal 
_pdbx_audit_revision_item.data_content_type 
_pdbx_audit_revision_item.item 
1  2 'Structure model' '_exptl_crystal_grow.method'                       
2  2 'Structure model' '_exptl_crystal_grow.temp'                         
3  2 'Structure model' '_pdbx_database_status.recvd_author_approval'      
4  2 'Structure model' '_pdbx_seq_map_depositor_info.one_letter_code_mod' 
5  3 'Structure model' '_database_2.pdbx_DOI'                             
6  3 'Structure model' '_database_2.pdbx_database_accession'              
7  3 'Structure model' '_pdbx_database_status.status_code_sf'             
8  3 'Structure model' '_pdbx_struct_conn_angle.ptnr1_auth_asym_id'       
9  3 'Structure model' '_pdbx_struct_conn_angle.ptnr1_auth_seq_id'        
10 3 'Structure model' '_pdbx_struct_conn_angle.ptnr1_label_asym_id'      
11 3 'Structure model' '_pdbx_struct_conn_angle.ptnr3_auth_asym_id'       
12 3 'Structure model' '_pdbx_struct_conn_angle.ptnr3_auth_seq_id'        
13 3 'Structure model' '_pdbx_struct_conn_angle.ptnr3_label_asym_id'      
14 3 'Structure model' '_pdbx_struct_conn_angle.value'                    
15 3 'Structure model' '_struct_conn.pdbx_dist_value'                     
16 3 'Structure model' '_struct_conn.ptnr1_auth_asym_id'                  
17 3 'Structure model' '_struct_conn.ptnr1_auth_comp_id'                  
18 3 'Structure model' '_struct_conn.ptnr1_auth_seq_id'                   
19 3 'Structure model' '_struct_conn.ptnr1_label_asym_id'                 
20 3 'Structure model' '_struct_conn.ptnr1_label_atom_id'                 
21 3 'Structure model' '_struct_conn.ptnr1_label_comp_id'                 
22 3 'Structure model' '_struct_conn.ptnr2_auth_asym_id'                  
23 3 'Structure model' '_struct_conn.ptnr2_auth_comp_id'                  
24 3 'Structure model' '_struct_conn.ptnr2_auth_seq_id'                   
25 3 'Structure model' '_struct_conn.ptnr2_label_asym_id'                 
26 3 'Structure model' '_struct_conn.ptnr2_label_atom_id'                 
27 3 'Structure model' '_struct_conn.ptnr2_label_comp_id'                 
28 3 'Structure model' '_struct_site.pdbx_auth_asym_id'                   
29 3 'Structure model' '_struct_site.pdbx_auth_comp_id'                   
30 3 'Structure model' '_struct_site.pdbx_auth_seq_id'                    
# 
loop_
_software.name 
_software.classification 
_software.version 
_software.citation_id 
_software.pdbx_ordinal 
_software.date 
_software.type 
_software.location 
_software.language 
REFMAC refinement       5.5.0110 ? 1 ? ? ? ? 
MOSFLM 'data reduction' .        ? 2 ? ? ? ? 
SCALA  'data scaling'   .        ? 3 ? ? ? ? 
PHASER phasing          .        ? 4 ? ? ? ? 
# 
loop_
_pdbx_validate_close_contact.id 
_pdbx_validate_close_contact.PDB_model_num 
_pdbx_validate_close_contact.auth_atom_id_1 
_pdbx_validate_close_contact.auth_asym_id_1 
_pdbx_validate_close_contact.auth_comp_id_1 
_pdbx_validate_close_contact.auth_seq_id_1 
_pdbx_validate_close_contact.PDB_ins_code_1 
_pdbx_validate_close_contact.label_alt_id_1 
_pdbx_validate_close_contact.auth_atom_id_2 
_pdbx_validate_close_contact.auth_asym_id_2 
_pdbx_validate_close_contact.auth_comp_id_2 
_pdbx_validate_close_contact.auth_seq_id_2 
_pdbx_validate_close_contact.PDB_ins_code_2 
_pdbx_validate_close_contact.label_alt_id_2 
_pdbx_validate_close_contact.dist 
1 1 OP1 A DT 8 ? ? O A HOH 2039 ? ? 1.58 
2 1 OP1 A DA 5 ? ? O A HOH 2029 ? ? 2.16 
3 1 OP2 A DA 4 ? ? O A HOH 2025 ? ? 2.18 
# 
loop_
_pdbx_validate_rmsd_bond.id 
_pdbx_validate_rmsd_bond.PDB_model_num 
_pdbx_validate_rmsd_bond.auth_atom_id_1 
_pdbx_validate_rmsd_bond.auth_asym_id_1 
_pdbx_validate_rmsd_bond.auth_comp_id_1 
_pdbx_validate_rmsd_bond.auth_seq_id_1 
_pdbx_validate_rmsd_bond.PDB_ins_code_1 
_pdbx_validate_rmsd_bond.label_alt_id_1 
_pdbx_validate_rmsd_bond.auth_atom_id_2 
_pdbx_validate_rmsd_bond.auth_asym_id_2 
_pdbx_validate_rmsd_bond.auth_comp_id_2 
_pdbx_validate_rmsd_bond.auth_seq_id_2 
_pdbx_validate_rmsd_bond.PDB_ins_code_2 
_pdbx_validate_rmsd_bond.label_alt_id_2 
_pdbx_validate_rmsd_bond.bond_value 
_pdbx_validate_rmsd_bond.bond_target_value 
_pdbx_validate_rmsd_bond.bond_deviation 
_pdbx_validate_rmsd_bond.bond_standard_deviation 
_pdbx_validate_rmsd_bond.linker_flag 
1  1 "O3'" A DG 2  ? ? "C3'" A DG 2  ? ? 1.383 1.419 -0.036 0.006 N 
2  1 N3    A DC 3  ? ? C4    A DC 3  ? ? 1.288 1.335 -0.047 0.007 N 
3  1 N9    A DA 4  ? ? C4    A DA 4  ? ? 1.414 1.374 0.040  0.006 N 
4  1 "O3'" A DT 7  ? ? "C3'" A DT 7  ? ? 1.337 1.419 -0.082 0.006 N 
5  1 C2    A DT 7  ? ? O2    A DT 7  ? ? 1.159 1.220 -0.061 0.008 N 
6  1 P     A DT 8  ? ? OP2   A DT 8  ? ? 1.365 1.485 -0.120 0.017 N 
7  1 "O3'" A DT 8  ? ? "C3'" A DT 8  ? ? 1.324 1.419 -0.095 0.006 N 
8  1 C5    A DT 8  ? ? C6    A DT 8  ? ? 1.293 1.339 -0.046 0.007 N 
9  1 C2    A DT 8  ? ? O2    A DT 8  ? ? 1.141 1.220 -0.079 0.008 N 
10 1 C4    A DT 8  ? ? O4    A DT 8  ? ? 1.159 1.228 -0.069 0.009 N 
11 1 P     A DT 9  ? ? OP1   A DT 9  ? ? 1.373 1.485 -0.112 0.017 N 
12 1 P     A DT 9  ? ? OP2   A DT 9  ? ? 1.343 1.485 -0.142 0.017 N 
13 1 C6    A DT 9  ? ? N1    A DT 9  ? ? 1.335 1.378 -0.043 0.007 N 
14 1 C2    A DT 9  ? ? O2    A DT 9  ? ? 1.163 1.220 -0.057 0.008 N 
15 1 C4    A DT 9  ? ? O4    A DT 9  ? ? 1.167 1.228 -0.061 0.009 N 
16 1 N3    A DC 11 ? ? C4    A DC 11 ? ? 1.383 1.335 0.048  0.007 N 
17 1 C2    A DG 12 ? ? N3    A DG 12 ? ? 1.385 1.323 0.062  0.008 N 
18 1 C5    A DG 12 ? ? N7    A DG 12 ? ? 1.351 1.388 -0.037 0.006 N 
19 1 P     B DA 16 ? ? "O5'" B DA 16 ? ? 1.525 1.593 -0.068 0.010 N 
20 1 "O3'" B DA 16 ? ? "C3'" B DA 16 ? ? 1.375 1.419 -0.044 0.006 N 
21 1 P     B DA 17 ? ? "O5'" B DA 17 ? ? 1.653 1.593 0.060  0.010 N 
22 1 "O3'" B DA 17 ? ? "C3'" B DA 17 ? ? 1.335 1.419 -0.084 0.006 N 
23 1 P     B DT 21 ? ? OP2   B DT 21 ? ? 1.373 1.485 -0.112 0.017 N 
24 1 C4    B DT 21 ? ? O4    B DT 21 ? ? 1.162 1.228 -0.066 0.009 N 
25 1 "O3'" B DG 22 ? ? "C3'" B DG 22 ? ? 1.326 1.419 -0.093 0.006 N 
26 1 N1    B DG 22 ? ? C2    B DG 22 ? ? 1.323 1.373 -0.050 0.008 N 
27 1 C8    B DG 22 ? ? N9    B DG 22 ? ? 1.330 1.374 -0.044 0.007 N 
28 1 "O3'" B DG 22 ? ? P     B DC 23 ? ? 1.533 1.607 -0.074 0.012 Y 
29 1 C2    B DC 23 ? ? O2    B DC 23 ? ? 1.180 1.240 -0.060 0.009 N 
30 1 N1    B DC 23 ? ? C6    B DC 23 ? ? 1.330 1.367 -0.037 0.006 N 
31 1 C2    B DC 23 ? ? N3    B DC 23 ? ? 1.301 1.353 -0.052 0.008 N 
32 1 N3    B DC 23 ? ? C4    B DC 23 ? ? 1.280 1.335 -0.055 0.007 N 
33 1 C5    B DC 23 ? ? C6    B DC 23 ? ? 1.286 1.339 -0.053 0.008 N 
# 
loop_
_pdbx_validate_rmsd_angle.id 
_pdbx_validate_rmsd_angle.PDB_model_num 
_pdbx_validate_rmsd_angle.auth_atom_id_1 
_pdbx_validate_rmsd_angle.auth_asym_id_1 
_pdbx_validate_rmsd_angle.auth_comp_id_1 
_pdbx_validate_rmsd_angle.auth_seq_id_1 
_pdbx_validate_rmsd_angle.PDB_ins_code_1 
_pdbx_validate_rmsd_angle.label_alt_id_1 
_pdbx_validate_rmsd_angle.auth_atom_id_2 
_pdbx_validate_rmsd_angle.auth_asym_id_2 
_pdbx_validate_rmsd_angle.auth_comp_id_2 
_pdbx_validate_rmsd_angle.auth_seq_id_2 
_pdbx_validate_rmsd_angle.PDB_ins_code_2 
_pdbx_validate_rmsd_angle.label_alt_id_2 
_pdbx_validate_rmsd_angle.auth_atom_id_3 
_pdbx_validate_rmsd_angle.auth_asym_id_3 
_pdbx_validate_rmsd_angle.auth_comp_id_3 
_pdbx_validate_rmsd_angle.auth_seq_id_3 
_pdbx_validate_rmsd_angle.PDB_ins_code_3 
_pdbx_validate_rmsd_angle.label_alt_id_3 
_pdbx_validate_rmsd_angle.angle_value 
_pdbx_validate_rmsd_angle.angle_target_value 
_pdbx_validate_rmsd_angle.angle_deviation 
_pdbx_validate_rmsd_angle.angle_standard_deviation 
_pdbx_validate_rmsd_angle.linker_flag 
1  1 N3    A DC 1  ? ? C4    A DC 1  ? ? C5    A DC 1  ? ? 117.38 121.90 -4.52  0.40 N 
2  1 C4    A DC 1  ? ? C5    A DC 1  ? ? C6    A DC 1  ? ? 121.34 117.40 3.94   0.50 N 
3  1 C5    A DC 1  ? ? C4    A DC 1  ? ? N4    A DC 1  ? ? 126.50 120.20 6.30   0.70 N 
4  1 N9    A DG 2  ? ? "C1'" A DG 2  ? ? "C2'" A DG 2  ? ? 123.39 114.30 9.09   1.40 N 
5  1 C6    A DG 2  ? ? N1    A DG 2  ? ? C2    A DG 2  ? ? 129.65 125.10 4.55   0.60 N 
6  1 N1    A DG 2  ? ? C2    A DG 2  ? ? N3    A DG 2  ? ? 120.26 123.90 -3.64  0.60 N 
7  1 C4    A DG 2  ? ? C5    A DG 2  ? ? N7    A DG 2  ? ? 113.40 110.80 2.60   0.40 N 
8  1 C5    A DG 2  ? ? N7    A DG 2  ? ? C8    A DG 2  ? ? 101.00 104.30 -3.30  0.50 N 
9  1 N7    A DG 2  ? ? C8    A DG 2  ? ? N9    A DG 2  ? ? 116.42 113.10 3.32   0.50 N 
10 1 N1    A DG 2  ? ? C6    A DG 2  ? ? O6    A DG 2  ? ? 124.15 119.90 4.25   0.60 N 
11 1 C5    A DG 2  ? ? C6    A DG 2  ? ? O6    A DG 2  ? ? 124.29 128.60 -4.31  0.60 N 
12 1 C5    A DA 4  ? ? C6    A DA 4  ? ? N1    A DA 4  ? ? 114.51 117.70 -3.19  0.50 N 
13 1 N7    A DA 4  ? ? C8    A DA 4  ? ? N9    A DA 4  ? ? 117.00 113.80 3.20   0.50 N 
14 1 C8    A DA 4  ? ? N9    A DA 4  ? ? C4    A DA 4  ? ? 103.16 105.80 -2.64  0.40 N 
15 1 N1    A DA 4  ? ? C6    A DA 4  ? ? N6    A DA 4  ? ? 124.09 118.60 5.49   0.60 N 
16 1 OP1   A DA 5  ? ? P     A DA 5  ? ? OP2   A DA 5  ? ? 137.00 119.60 17.40  1.50 N 
17 1 "O5'" A DA 5  ? ? P     A DA 5  ? ? OP2   A DA 5  ? ? 97.57  105.70 -8.13  0.90 N 
18 1 "O4'" A DA 5  ? ? "C1'" A DA 5  ? ? N9    A DA 5  ? ? 100.33 108.00 -7.67  0.70 N 
19 1 C8    A DA 5  ? ? N9    A DA 5  ? ? C4    A DA 5  ? ? 103.00 105.80 -2.80  0.40 N 
20 1 C4    A DA 6  ? ? C5    A DA 6  ? ? C6    A DA 6  ? ? 120.24 117.00 3.24   0.50 N 
21 1 N9    A DA 6  ? ? C4    A DA 6  ? ? C5    A DA 6  ? ? 109.05 105.80 3.25   0.40 N 
22 1 "O4'" A DT 7  ? ? "C1'" A DT 7  ? ? "C2'" A DT 7  ? ? 100.76 105.90 -5.14  0.80 N 
23 1 OP1   A DT 8  ? ? P     A DT 8  ? ? OP2   A DT 8  ? ? 133.72 119.60 14.12  1.50 N 
24 1 N3    A DT 9  ? ? C4    A DT 9  ? ? O4    A DT 9  ? ? 123.99 119.90 4.09   0.60 N 
25 1 "O4'" A DG 10 ? ? "C1'" A DG 10 ? ? N9    A DG 10 ? ? 110.41 108.30 2.11   0.30 N 
26 1 N7    A DG 10 ? ? C8    A DG 10 ? ? N9    A DG 10 ? ? 116.89 113.10 3.79   0.50 N 
27 1 N1    A DG 10 ? ? C2    A DG 10 ? ? N2    A DG 10 ? ? 122.59 116.20 6.39   0.90 N 
28 1 N3    A DG 10 ? ? C2    A DG 10 ? ? N2    A DG 10 ? ? 113.34 119.90 -6.56  0.70 N 
29 1 "O4'" A DC 11 ? ? "C1'" A DC 11 ? ? N1    A DC 11 ? ? 99.70  108.00 -8.30  0.70 N 
30 1 "C3'" A DC 11 ? ? "O3'" A DC 11 ? ? P     A DG 12 ? ? 128.62 119.70 8.92   1.20 Y 
31 1 P     A DG 12 ? ? "O5'" A DG 12 ? ? "C5'" A DG 12 ? ? 111.20 120.90 -9.70  1.60 N 
32 1 "O4'" A DG 12 ? ? "C4'" A DG 12 ? ? "C3'" A DG 12 ? ? 98.47  104.50 -6.03  0.40 N 
33 1 "C4'" A DG 12 ? ? "C3'" A DG 12 ? ? "C2'" A DG 12 ? ? 111.03 103.10 7.93   0.90 N 
34 1 N1    A DG 12 ? ? C2    A DG 12 ? ? N3    A DG 12 ? ? 119.17 123.90 -4.73  0.60 N 
35 1 C8    A DG 12 ? ? N9    A DG 12 ? ? C4    A DG 12 ? ? 103.20 106.40 -3.20  0.40 N 
36 1 N1    A DG 12 ? ? C2    A DG 12 ? ? N2    A DG 12 ? ? 122.58 116.20 6.38   0.90 N 
37 1 "O4'" B DC 13 ? ? "C1'" B DC 13 ? ? N1    B DC 13 ? ? 102.68 108.00 -5.32  0.70 N 
38 1 C2    B DC 13 ? ? N3    B DC 13 ? ? C4    B DC 13 ? ? 123.67 119.90 3.77   0.50 N 
39 1 N3    B DC 13 ? ? C4    B DC 13 ? ? C5    B DC 13 ? ? 118.16 121.90 -3.74  0.40 N 
40 1 N1    B DC 13 ? ? C2    B DC 13 ? ? O2    B DC 13 ? ? 114.56 118.90 -4.34  0.60 N 
41 1 N3    B DC 15 ? ? C2    B DC 15 ? ? O2    B DC 15 ? ? 126.18 121.90 4.28   0.70 N 
42 1 C5    B DC 15 ? ? C4    B DC 15 ? ? N4    B DC 15 ? ? 124.99 120.20 4.79   0.70 N 
43 1 "O4'" B DA 16 ? ? "C1'" B DA 16 ? ? N9    B DA 16 ? ? 111.89 108.30 3.59   0.30 N 
44 1 C6    B DA 16 ? ? N1    B DA 16 ? ? C2    B DA 16 ? ? 123.04 118.60 4.44   0.60 N 
45 1 C5    B DA 16 ? ? N7    B DA 16 ? ? C8    B DA 16 ? ? 99.86  103.90 -4.04  0.50 N 
46 1 N7    B DA 16 ? ? C8    B DA 16 ? ? N9    B DA 16 ? ? 119.45 113.80 5.65   0.50 N 
47 1 C8    B DA 16 ? ? N9    B DA 16 ? ? C4    B DA 16 ? ? 102.40 105.80 -3.40  0.40 N 
48 1 OP1   B DA 17 ? ? P     B DA 17 ? ? OP2   B DA 17 ? ? 132.13 119.60 12.53  1.50 N 
49 1 "O4'" B DA 17 ? ? "C4'" B DA 17 ? ? "C3'" B DA 17 ? ? 100.80 104.50 -3.70  0.40 N 
50 1 "C1'" B DA 17 ? ? "O4'" B DA 17 ? ? "C4'" B DA 17 ? ? 114.75 110.30 4.45   0.70 N 
51 1 "O4'" B DA 18 ? ? "C4'" B DA 18 ? ? "C3'" B DA 18 ? ? 109.69 106.00 3.69   0.60 N 
52 1 "O4'" B DA 18 ? ? "C1'" B DA 18 ? ? N9    B DA 18 ? ? 103.29 108.00 -4.71  0.70 N 
53 1 N1    B DA 18 ? ? C2    B DA 18 ? ? N3    B DA 18 ? ? 132.47 129.30 3.17   0.50 N 
54 1 C2    B DA 18 ? ? N3    B DA 18 ? ? C4    B DA 18 ? ? 106.86 110.60 -3.74  0.50 N 
55 1 C8    B DA 18 ? ? N9    B DA 18 ? ? C4    B DA 18 ? ? 103.17 105.80 -2.63  0.40 N 
56 1 "C1'" B DT 19 ? ? "O4'" B DT 19 ? ? "C4'" B DT 19 ? ? 103.58 110.10 -6.52  1.00 N 
57 1 C5    B DT 19 ? ? C4    B DT 19 ? ? O4    B DT 19 ? ? 130.16 124.90 5.26   0.70 N 
58 1 OP1   B DT 20 ? ? P     B DT 20 ? ? OP2   B DT 20 ? ? 134.64 119.60 15.04  1.50 N 
59 1 "O5'" B DT 20 ? ? "C5'" B DT 20 ? ? "C4'" B DT 20 ? ? 102.68 109.40 -6.72  0.80 N 
60 1 C6    B DT 20 ? ? C5    B DT 20 ? ? C7    B DT 20 ? ? 117.92 122.90 -4.98  0.60 N 
61 1 "O4'" B DT 21 ? ? "C1'" B DT 21 ? ? N1    B DT 21 ? ? 102.18 108.00 -5.82  0.70 N 
62 1 C4    B DG 22 ? ? C5    B DG 22 ? ? N7    B DG 22 ? ? 107.79 110.80 -3.01  0.40 N 
63 1 OP1   B DC 23 ? ? P     B DC 23 ? ? OP2   B DC 23 ? ? 131.41 119.60 11.81  1.50 N 
64 1 "O5'" B DC 23 ? ? P     B DC 23 ? ? OP1   B DC 23 ? ? 95.53  105.70 -10.17 0.90 N 
65 1 "O4'" B DC 23 ? ? "C1'" B DC 23 ? ? N1    B DC 23 ? ? 110.56 108.30 2.26   0.30 N 
66 1 OP1   B DG 24 ? ? P     B DG 24 ? ? OP2   B DG 24 ? ? 133.91 119.60 14.31  1.50 N 
67 1 "O5'" B DG 24 ? ? P     B DG 24 ? ? OP2   B DG 24 ? ? 96.92  105.70 -8.78  0.90 N 
68 1 "O4'" B DG 24 ? ? "C1'" B DG 24 ? ? "C2'" B DG 24 ? ? 110.82 106.80 4.02   0.50 N 
69 1 N1    B DG 24 ? ? C2    B DG 24 ? ? N3    B DG 24 ? ? 119.49 123.90 -4.41  0.60 N 
# 
_pdbx_validate_planes.id              1 
_pdbx_validate_planes.PDB_model_num   1 
_pdbx_validate_planes.auth_comp_id    DG 
_pdbx_validate_planes.auth_asym_id    A 
_pdbx_validate_planes.auth_seq_id     2 
_pdbx_validate_planes.PDB_ins_code    ? 
_pdbx_validate_planes.label_alt_id    ? 
_pdbx_validate_planes.rmsd            0.063 
_pdbx_validate_planes.type            'SIDE CHAIN' 
# 
_pdbx_distant_solvent_atoms.id                                1 
_pdbx_distant_solvent_atoms.PDB_model_num                     1 
_pdbx_distant_solvent_atoms.auth_atom_id                      O 
_pdbx_distant_solvent_atoms.label_alt_id                      ? 
_pdbx_distant_solvent_atoms.auth_asym_id                      B 
_pdbx_distant_solvent_atoms.auth_comp_id                      HOH 
_pdbx_distant_solvent_atoms.auth_seq_id                       2001 
_pdbx_distant_solvent_atoms.PDB_ins_code                      ? 
_pdbx_distant_solvent_atoms.neighbor_macromolecule_distance   6.28 
_pdbx_distant_solvent_atoms.neighbor_ligand_distance          . 
# 
loop_
_chem_comp_atom.comp_id 
_chem_comp_atom.atom_id 
_chem_comp_atom.type_symbol 
_chem_comp_atom.pdbx_aromatic_flag 
_chem_comp_atom.pdbx_stereo_config 
_chem_comp_atom.pdbx_ordinal 
D2A C1     C  Y N 1   
D2A C2     C  Y N 2   
D2A C3     C  Y N 3   
D2A C4     C  Y N 4   
D2A C5     C  Y N 5   
D2A C6     C  Y N 6   
D2A C7     C  Y N 7   
D2A C8     C  Y N 8   
D2A C9     C  Y N 9   
D2A C10    C  Y N 10  
D2A C11    C  Y N 11  
D2A C12    C  Y N 12  
D2A C13    C  Y N 13  
D2A N14    N  Y N 14  
D2A C15    C  Y N 15  
D2A C16    C  Y N 16  
D2A N17    N  Y N 17  
D2A C18    C  Y N 18  
D2A C19    C  Y N 19  
D2A C20    C  Y N 20  
D2A C21    C  Y N 21  
D2A C22    C  N N 22  
D2A N23    N  N N 23  
D2A N24    N  N N 24  
D2A C25    C  N N 25  
D2A N26    N  N N 26  
D2A N27    N  N N 27  
D2A H1     H  N N 28  
D2A H2     H  N N 29  
D2A H4     H  N N 30  
D2A H5     H  N N 31  
D2A H8     H  N N 32  
D2A H9     H  N N 33  
D2A H11    H  N N 34  
D2A H12    H  N N 35  
D2A H17    H  N N 36  
D2A H18    H  N N 37  
D2A H19    H  N N 38  
D2A H20    H  N N 39  
D2A H231   H  N N 40  
D2A H232   H  N N 41  
D2A H24    H  N N 42  
D2A H261   H  N N 43  
D2A H262   H  N N 44  
D2A H27    H  N N 45  
DA  OP3    O  N N 46  
DA  P      P  N N 47  
DA  OP1    O  N N 48  
DA  OP2    O  N N 49  
DA  "O5'"  O  N N 50  
DA  "C5'"  C  N N 51  
DA  "C4'"  C  N R 52  
DA  "O4'"  O  N N 53  
DA  "C3'"  C  N S 54  
DA  "O3'"  O  N N 55  
DA  "C2'"  C  N N 56  
DA  "C1'"  C  N R 57  
DA  N9     N  Y N 58  
DA  C8     C  Y N 59  
DA  N7     N  Y N 60  
DA  C5     C  Y N 61  
DA  C6     C  Y N 62  
DA  N6     N  N N 63  
DA  N1     N  Y N 64  
DA  C2     C  Y N 65  
DA  N3     N  Y N 66  
DA  C4     C  Y N 67  
DA  HOP3   H  N N 68  
DA  HOP2   H  N N 69  
DA  "H5'"  H  N N 70  
DA  "H5''" H  N N 71  
DA  "H4'"  H  N N 72  
DA  "H3'"  H  N N 73  
DA  "HO3'" H  N N 74  
DA  "H2'"  H  N N 75  
DA  "H2''" H  N N 76  
DA  "H1'"  H  N N 77  
DA  H8     H  N N 78  
DA  H61    H  N N 79  
DA  H62    H  N N 80  
DA  H2     H  N N 81  
DC  OP3    O  N N 82  
DC  P      P  N N 83  
DC  OP1    O  N N 84  
DC  OP2    O  N N 85  
DC  "O5'"  O  N N 86  
DC  "C5'"  C  N N 87  
DC  "C4'"  C  N R 88  
DC  "O4'"  O  N N 89  
DC  "C3'"  C  N S 90  
DC  "O3'"  O  N N 91  
DC  "C2'"  C  N N 92  
DC  "C1'"  C  N R 93  
DC  N1     N  N N 94  
DC  C2     C  N N 95  
DC  O2     O  N N 96  
DC  N3     N  N N 97  
DC  C4     C  N N 98  
DC  N4     N  N N 99  
DC  C5     C  N N 100 
DC  C6     C  N N 101 
DC  HOP3   H  N N 102 
DC  HOP2   H  N N 103 
DC  "H5'"  H  N N 104 
DC  "H5''" H  N N 105 
DC  "H4'"  H  N N 106 
DC  "H3'"  H  N N 107 
DC  "HO3'" H  N N 108 
DC  "H2'"  H  N N 109 
DC  "H2''" H  N N 110 
DC  "H1'"  H  N N 111 
DC  H41    H  N N 112 
DC  H42    H  N N 113 
DC  H5     H  N N 114 
DC  H6     H  N N 115 
DG  OP3    O  N N 116 
DG  P      P  N N 117 
DG  OP1    O  N N 118 
DG  OP2    O  N N 119 
DG  "O5'"  O  N N 120 
DG  "C5'"  C  N N 121 
DG  "C4'"  C  N R 122 
DG  "O4'"  O  N N 123 
DG  "C3'"  C  N S 124 
DG  "O3'"  O  N N 125 
DG  "C2'"  C  N N 126 
DG  "C1'"  C  N R 127 
DG  N9     N  Y N 128 
DG  C8     C  Y N 129 
DG  N7     N  Y N 130 
DG  C5     C  Y N 131 
DG  C6     C  N N 132 
DG  O6     O  N N 133 
DG  N1     N  N N 134 
DG  C2     C  N N 135 
DG  N2     N  N N 136 
DG  N3     N  N N 137 
DG  C4     C  Y N 138 
DG  HOP3   H  N N 139 
DG  HOP2   H  N N 140 
DG  "H5'"  H  N N 141 
DG  "H5''" H  N N 142 
DG  "H4'"  H  N N 143 
DG  "H3'"  H  N N 144 
DG  "HO3'" H  N N 145 
DG  "H2'"  H  N N 146 
DG  "H2''" H  N N 147 
DG  "H1'"  H  N N 148 
DG  H8     H  N N 149 
DG  H1     H  N N 150 
DG  H21    H  N N 151 
DG  H22    H  N N 152 
DT  OP3    O  N N 153 
DT  P      P  N N 154 
DT  OP1    O  N N 155 
DT  OP2    O  N N 156 
DT  "O5'"  O  N N 157 
DT  "C5'"  C  N N 158 
DT  "C4'"  C  N R 159 
DT  "O4'"  O  N N 160 
DT  "C3'"  C  N S 161 
DT  "O3'"  O  N N 162 
DT  "C2'"  C  N N 163 
DT  "C1'"  C  N R 164 
DT  N1     N  N N 165 
DT  C2     C  N N 166 
DT  O2     O  N N 167 
DT  N3     N  N N 168 
DT  C4     C  N N 169 
DT  O4     O  N N 170 
DT  C5     C  N N 171 
DT  C7     C  N N 172 
DT  C6     C  N N 173 
DT  HOP3   H  N N 174 
DT  HOP2   H  N N 175 
DT  "H5'"  H  N N 176 
DT  "H5''" H  N N 177 
DT  "H4'"  H  N N 178 
DT  "H3'"  H  N N 179 
DT  "HO3'" H  N N 180 
DT  "H2'"  H  N N 181 
DT  "H2''" H  N N 182 
DT  "H1'"  H  N N 183 
DT  H3     H  N N 184 
DT  H71    H  N N 185 
DT  H72    H  N N 186 
DT  H73    H  N N 187 
DT  H6     H  N N 188 
HOH O      O  N N 189 
HOH H1     H  N N 190 
HOH H2     H  N N 191 
MG  MG     MG N N 192 
# 
loop_
_chem_comp_bond.comp_id 
_chem_comp_bond.atom_id_1 
_chem_comp_bond.atom_id_2 
_chem_comp_bond.value_order 
_chem_comp_bond.pdbx_aromatic_flag 
_chem_comp_bond.pdbx_stereo_config 
_chem_comp_bond.pdbx_ordinal 
D2A C1    C2     doub Y N 1   
D2A C1    C6     sing Y N 2   
D2A C1    H1     sing N N 3   
D2A C2    C3     sing Y N 4   
D2A C2    H2     sing N N 5   
D2A C3    C4     doub Y N 6   
D2A C3    C7     sing Y N 7   
D2A C4    C5     sing Y N 8   
D2A C4    H4     sing N N 9   
D2A C5    C6     doub Y N 10  
D2A C5    H5     sing N N 11  
D2A C6    C25    sing N N 12  
D2A C7    C8     doub Y N 13  
D2A C7    C12    sing Y N 14  
D2A C8    C9     sing Y N 15  
D2A C8    H8     sing N N 16  
D2A C9    C10    doub Y N 17  
D2A C9    H9     sing N N 18  
D2A C10   C11    sing Y N 19  
D2A C10   C13    sing Y N 20  
D2A C11   C12    doub Y N 21  
D2A C11   H11    sing N N 22  
D2A C12   H12    sing N N 23  
D2A C13   N14    doub Y N 24  
D2A C13   N17    sing Y N 25  
D2A N14   C15    sing Y N 26  
D2A C15   C16    doub Y N 27  
D2A C15   C19    sing Y N 28  
D2A C16   N17    sing Y N 29  
D2A C16   C18    sing Y N 30  
D2A N17   H17    sing N N 31  
D2A C18   C21    doub Y N 32  
D2A C18   H18    sing N N 33  
D2A C19   C20    doub Y N 34  
D2A C19   H19    sing N N 35  
D2A C20   C21    sing Y N 36  
D2A C20   H20    sing N N 37  
D2A C21   C22    sing N N 38  
D2A C22   N23    sing N N 39  
D2A C22   N24    doub N E 40  
D2A N23   H231   sing N N 41  
D2A N23   H232   sing N N 42  
D2A N24   H24    sing N N 43  
D2A C25   N26    sing N N 44  
D2A C25   N27    doub N N 45  
D2A N26   H261   sing N N 46  
D2A N26   H262   sing N N 47  
D2A N27   H27    sing N N 48  
DA  OP3   P      sing N N 49  
DA  OP3   HOP3   sing N N 50  
DA  P     OP1    doub N N 51  
DA  P     OP2    sing N N 52  
DA  P     "O5'"  sing N N 53  
DA  OP2   HOP2   sing N N 54  
DA  "O5'" "C5'"  sing N N 55  
DA  "C5'" "C4'"  sing N N 56  
DA  "C5'" "H5'"  sing N N 57  
DA  "C5'" "H5''" sing N N 58  
DA  "C4'" "O4'"  sing N N 59  
DA  "C4'" "C3'"  sing N N 60  
DA  "C4'" "H4'"  sing N N 61  
DA  "O4'" "C1'"  sing N N 62  
DA  "C3'" "O3'"  sing N N 63  
DA  "C3'" "C2'"  sing N N 64  
DA  "C3'" "H3'"  sing N N 65  
DA  "O3'" "HO3'" sing N N 66  
DA  "C2'" "C1'"  sing N N 67  
DA  "C2'" "H2'"  sing N N 68  
DA  "C2'" "H2''" sing N N 69  
DA  "C1'" N9     sing N N 70  
DA  "C1'" "H1'"  sing N N 71  
DA  N9    C8     sing Y N 72  
DA  N9    C4     sing Y N 73  
DA  C8    N7     doub Y N 74  
DA  C8    H8     sing N N 75  
DA  N7    C5     sing Y N 76  
DA  C5    C6     sing Y N 77  
DA  C5    C4     doub Y N 78  
DA  C6    N6     sing N N 79  
DA  C6    N1     doub Y N 80  
DA  N6    H61    sing N N 81  
DA  N6    H62    sing N N 82  
DA  N1    C2     sing Y N 83  
DA  C2    N3     doub Y N 84  
DA  C2    H2     sing N N 85  
DA  N3    C4     sing Y N 86  
DC  OP3   P      sing N N 87  
DC  OP3   HOP3   sing N N 88  
DC  P     OP1    doub N N 89  
DC  P     OP2    sing N N 90  
DC  P     "O5'"  sing N N 91  
DC  OP2   HOP2   sing N N 92  
DC  "O5'" "C5'"  sing N N 93  
DC  "C5'" "C4'"  sing N N 94  
DC  "C5'" "H5'"  sing N N 95  
DC  "C5'" "H5''" sing N N 96  
DC  "C4'" "O4'"  sing N N 97  
DC  "C4'" "C3'"  sing N N 98  
DC  "C4'" "H4'"  sing N N 99  
DC  "O4'" "C1'"  sing N N 100 
DC  "C3'" "O3'"  sing N N 101 
DC  "C3'" "C2'"  sing N N 102 
DC  "C3'" "H3'"  sing N N 103 
DC  "O3'" "HO3'" sing N N 104 
DC  "C2'" "C1'"  sing N N 105 
DC  "C2'" "H2'"  sing N N 106 
DC  "C2'" "H2''" sing N N 107 
DC  "C1'" N1     sing N N 108 
DC  "C1'" "H1'"  sing N N 109 
DC  N1    C2     sing N N 110 
DC  N1    C6     sing N N 111 
DC  C2    O2     doub N N 112 
DC  C2    N3     sing N N 113 
DC  N3    C4     doub N N 114 
DC  C4    N4     sing N N 115 
DC  C4    C5     sing N N 116 
DC  N4    H41    sing N N 117 
DC  N4    H42    sing N N 118 
DC  C5    C6     doub N N 119 
DC  C5    H5     sing N N 120 
DC  C6    H6     sing N N 121 
DG  OP3   P      sing N N 122 
DG  OP3   HOP3   sing N N 123 
DG  P     OP1    doub N N 124 
DG  P     OP2    sing N N 125 
DG  P     "O5'"  sing N N 126 
DG  OP2   HOP2   sing N N 127 
DG  "O5'" "C5'"  sing N N 128 
DG  "C5'" "C4'"  sing N N 129 
DG  "C5'" "H5'"  sing N N 130 
DG  "C5'" "H5''" sing N N 131 
DG  "C4'" "O4'"  sing N N 132 
DG  "C4'" "C3'"  sing N N 133 
DG  "C4'" "H4'"  sing N N 134 
DG  "O4'" "C1'"  sing N N 135 
DG  "C3'" "O3'"  sing N N 136 
DG  "C3'" "C2'"  sing N N 137 
DG  "C3'" "H3'"  sing N N 138 
DG  "O3'" "HO3'" sing N N 139 
DG  "C2'" "C1'"  sing N N 140 
DG  "C2'" "H2'"  sing N N 141 
DG  "C2'" "H2''" sing N N 142 
DG  "C1'" N9     sing N N 143 
DG  "C1'" "H1'"  sing N N 144 
DG  N9    C8     sing Y N 145 
DG  N9    C4     sing Y N 146 
DG  C8    N7     doub Y N 147 
DG  C8    H8     sing N N 148 
DG  N7    C5     sing Y N 149 
DG  C5    C6     sing N N 150 
DG  C5    C4     doub Y N 151 
DG  C6    O6     doub N N 152 
DG  C6    N1     sing N N 153 
DG  N1    C2     sing N N 154 
DG  N1    H1     sing N N 155 
DG  C2    N2     sing N N 156 
DG  C2    N3     doub N N 157 
DG  N2    H21    sing N N 158 
DG  N2    H22    sing N N 159 
DG  N3    C4     sing N N 160 
DT  OP3   P      sing N N 161 
DT  OP3   HOP3   sing N N 162 
DT  P     OP1    doub N N 163 
DT  P     OP2    sing N N 164 
DT  P     "O5'"  sing N N 165 
DT  OP2   HOP2   sing N N 166 
DT  "O5'" "C5'"  sing N N 167 
DT  "C5'" "C4'"  sing N N 168 
DT  "C5'" "H5'"  sing N N 169 
DT  "C5'" "H5''" sing N N 170 
DT  "C4'" "O4'"  sing N N 171 
DT  "C4'" "C3'"  sing N N 172 
DT  "C4'" "H4'"  sing N N 173 
DT  "O4'" "C1'"  sing N N 174 
DT  "C3'" "O3'"  sing N N 175 
DT  "C3'" "C2'"  sing N N 176 
DT  "C3'" "H3'"  sing N N 177 
DT  "O3'" "HO3'" sing N N 178 
DT  "C2'" "C1'"  sing N N 179 
DT  "C2'" "H2'"  sing N N 180 
DT  "C2'" "H2''" sing N N 181 
DT  "C1'" N1     sing N N 182 
DT  "C1'" "H1'"  sing N N 183 
DT  N1    C2     sing N N 184 
DT  N1    C6     sing N N 185 
DT  C2    O2     doub N N 186 
DT  C2    N3     sing N N 187 
DT  N3    C4     sing N N 188 
DT  N3    H3     sing N N 189 
DT  C4    O4     doub N N 190 
DT  C4    C5     sing N N 191 
DT  C5    C7     sing N N 192 
DT  C5    C6     doub N N 193 
DT  C7    H71    sing N N 194 
DT  C7    H72    sing N N 195 
DT  C7    H73    sing N N 196 
DT  C6    H6     sing N N 197 
HOH O     H1     sing N N 198 
HOH O     H2     sing N N 199 
# 
loop_
_ndb_struct_conf_na.entry_id 
_ndb_struct_conf_na.feature 
4AH1 'double helix'        
4AH1 'b-form double helix' 
# 
loop_
_ndb_struct_na_base_pair.model_number 
_ndb_struct_na_base_pair.i_label_asym_id 
_ndb_struct_na_base_pair.i_label_comp_id 
_ndb_struct_na_base_pair.i_label_seq_id 
_ndb_struct_na_base_pair.i_symmetry 
_ndb_struct_na_base_pair.j_label_asym_id 
_ndb_struct_na_base_pair.j_label_comp_id 
_ndb_struct_na_base_pair.j_label_seq_id 
_ndb_struct_na_base_pair.j_symmetry 
_ndb_struct_na_base_pair.shear 
_ndb_struct_na_base_pair.stretch 
_ndb_struct_na_base_pair.stagger 
_ndb_struct_na_base_pair.buckle 
_ndb_struct_na_base_pair.propeller 
_ndb_struct_na_base_pair.opening 
_ndb_struct_na_base_pair.pair_number 
_ndb_struct_na_base_pair.pair_name 
_ndb_struct_na_base_pair.i_auth_asym_id 
_ndb_struct_na_base_pair.i_auth_seq_id 
_ndb_struct_na_base_pair.i_PDB_ins_code 
_ndb_struct_na_base_pair.j_auth_asym_id 
_ndb_struct_na_base_pair.j_auth_seq_id 
_ndb_struct_na_base_pair.j_PDB_ins_code 
_ndb_struct_na_base_pair.hbond_type_28 
_ndb_struct_na_base_pair.hbond_type_12 
1 A DC 1  1_555 B DG 12 1_555 0.150  -0.205 -0.130 -2.634  17.376  -0.615 1  A_DC1:DG24_B  A 1  ? B 24 ? 19 1 
1 A DG 2  1_555 B DC 11 1_555 -0.140 -0.227 0.455  -9.803  -24.138 -5.194 2  A_DG2:DC23_B  A 2  ? B 23 ? 19 1 
1 A DC 3  1_555 B DG 10 1_555 0.188  -0.123 0.071  -6.434  -3.313  2.687  3  A_DC3:DG22_B  A 3  ? B 22 ? 19 1 
1 A DA 4  1_555 B DT 9  1_555 -0.085 -0.134 -0.137 12.507  -15.849 -1.527 4  A_DA4:DT21_B  A 4  ? B 21 ? 20 1 
1 A DA 5  1_555 B DT 8  1_555 0.046  -0.145 -0.020 9.454   -18.690 2.395  5  A_DA5:DT20_B  A 5  ? B 20 ? 20 1 
1 A DA 6  1_555 B DT 7  1_555 -0.059 -0.003 0.158  4.499   -22.359 9.610  6  A_DA6:DT19_B  A 6  ? B 19 ? 20 1 
1 A DT 7  1_555 B DA 6  1_555 -0.115 -0.062 0.106  -3.126  -20.546 8.616  7  A_DT7:DA18_B  A 7  ? B 18 ? 20 1 
1 A DT 8  1_555 B DA 5  1_555 -0.036 -0.192 0.132  -8.856  -17.367 3.631  8  A_DT8:DA17_B  A 8  ? B 17 ? 20 1 
1 A DT 9  1_555 B DA 4  1_555 -0.333 -0.036 -0.037 -11.831 -13.732 -4.607 9  A_DT9:DA16_B  A 9  ? B 16 ? 20 1 
1 A DG 10 1_555 B DC 3  1_555 -0.127 -0.076 0.174  11.213  -1.349  5.686  10 A_DG10:DC15_B A 10 ? B 15 ? 19 1 
1 A DC 11 1_555 B DG 2  1_555 0.189  -0.168 0.181  4.870   -18.609 -0.393 11 A_DC11:DG14_B A 11 ? B 14 ? 19 1 
1 A DG 12 1_555 B DC 1  1_555 -0.262 -0.186 0.074  -1.284  -17.445 0.637  12 A_DG12:DC13_B A 12 ? B 13 ? 19 1 
# 
loop_
_ndb_struct_na_base_pair_step.model_number 
_ndb_struct_na_base_pair_step.i_label_asym_id_1 
_ndb_struct_na_base_pair_step.i_label_comp_id_1 
_ndb_struct_na_base_pair_step.i_label_seq_id_1 
_ndb_struct_na_base_pair_step.i_symmetry_1 
_ndb_struct_na_base_pair_step.j_label_asym_id_1 
_ndb_struct_na_base_pair_step.j_label_comp_id_1 
_ndb_struct_na_base_pair_step.j_label_seq_id_1 
_ndb_struct_na_base_pair_step.j_symmetry_1 
_ndb_struct_na_base_pair_step.i_label_asym_id_2 
_ndb_struct_na_base_pair_step.i_label_comp_id_2 
_ndb_struct_na_base_pair_step.i_label_seq_id_2 
_ndb_struct_na_base_pair_step.i_symmetry_2 
_ndb_struct_na_base_pair_step.j_label_asym_id_2 
_ndb_struct_na_base_pair_step.j_label_comp_id_2 
_ndb_struct_na_base_pair_step.j_label_seq_id_2 
_ndb_struct_na_base_pair_step.j_symmetry_2 
_ndb_struct_na_base_pair_step.shift 
_ndb_struct_na_base_pair_step.slide 
_ndb_struct_na_base_pair_step.rise 
_ndb_struct_na_base_pair_step.tilt 
_ndb_struct_na_base_pair_step.roll 
_ndb_struct_na_base_pair_step.twist 
_ndb_struct_na_base_pair_step.x_displacement 
_ndb_struct_na_base_pair_step.y_displacement 
_ndb_struct_na_base_pair_step.helical_rise 
_ndb_struct_na_base_pair_step.inclination 
_ndb_struct_na_base_pair_step.tip 
_ndb_struct_na_base_pair_step.helical_twist 
_ndb_struct_na_base_pair_step.step_number 
_ndb_struct_na_base_pair_step.step_name 
_ndb_struct_na_base_pair_step.i_auth_asym_id_1 
_ndb_struct_na_base_pair_step.i_auth_seq_id_1 
_ndb_struct_na_base_pair_step.i_PDB_ins_code_1 
_ndb_struct_na_base_pair_step.j_auth_asym_id_1 
_ndb_struct_na_base_pair_step.j_auth_seq_id_1 
_ndb_struct_na_base_pair_step.j_PDB_ins_code_1 
_ndb_struct_na_base_pair_step.i_auth_asym_id_2 
_ndb_struct_na_base_pair_step.i_auth_seq_id_2 
_ndb_struct_na_base_pair_step.i_PDB_ins_code_2 
_ndb_struct_na_base_pair_step.j_auth_asym_id_2 
_ndb_struct_na_base_pair_step.j_auth_seq_id_2 
_ndb_struct_na_base_pair_step.j_PDB_ins_code_2 
1 A DC 1  1_555 B DG 12 1_555 A DG 2  1_555 B DC 11 1_555 -0.806 0.471  3.763 -3.371 -13.757 39.059 2.340  0.729  3.467 -19.801 
4.852  41.454 1  AA_DC1DG2:DC23DG24_BB   A 1  ? B 24 ? A 2  ? B 23 ? 
1 A DG 2  1_555 B DC 11 1_555 A DC 3  1_555 B DG 10 1_555 0.741  0.582  3.363 4.520  -9.387  41.481 1.762  -0.553 3.223 -13.007 
-6.264 42.713 2  AA_DG2DC3:DG22DC23_BB   A 2  ? B 23 ? A 3  ? B 22 ? 
1 A DC 3  1_555 B DG 10 1_555 A DA 4  1_555 B DT 9  1_555 -0.665 1.239  3.047 2.992  3.866   27.737 1.689  2.030  3.100 7.986   
-6.181 28.156 3  AA_DC3DA4:DT21DG22_BB   A 3  ? B 22 ? A 4  ? B 21 ? 
1 A DA 4  1_555 B DT 9  1_555 A DA 5  1_555 B DT 8  1_555 0.145  0.304  3.288 -0.535 0.339   37.980 0.423  -0.292 3.289 0.521   
0.822  37.985 4  AA_DA4DA5:DT20DT21_BB   A 4  ? B 21 ? A 5  ? B 20 ? 
1 A DA 5  1_555 B DT 8  1_555 A DA 6  1_555 B DT 7  1_555 0.460  -0.073 3.246 -2.260 3.882   36.058 -0.652 -1.050 3.188 6.241   
3.634  36.328 5  AA_DA5DA6:DT19DT20_BB   A 5  ? B 20 ? A 6  ? B 19 ? 
1 A DA 6  1_555 B DT 7  1_555 A DT 7  1_555 B DA 6  1_555 0.005  -0.532 3.332 0.323  1.696   31.168 -1.315 0.053  3.299 3.154   
-0.601 31.215 6  AA_DA6DT7:DA18DT19_BB   A 6  ? B 19 ? A 7  ? B 18 ? 
1 A DT 7  1_555 B DA 6  1_555 A DT 8  1_555 B DA 5  1_555 -0.354 -0.170 3.307 0.811  4.989   37.148 -0.923 0.658  3.250 7.787   
-1.266 37.478 7  AA_DT7DT8:DA17DA18_BB   A 7  ? B 18 ? A 8  ? B 17 ? 
1 A DT 8  1_555 B DA 5  1_555 A DT 9  1_555 B DA 4  1_555 -0.396 0.051  3.252 1.530  -3.500  37.855 0.519  0.800  3.217 -5.378  
-2.351 38.040 8  AA_DT8DT9:DA16DA17_BB   A 8  ? B 17 ? A 9  ? B 16 ? 
1 A DT 9  1_555 B DA 4  1_555 A DG 10 1_555 B DC 3  1_555 0.925  1.070  2.966 -3.854 -1.413  30.981 2.224  -2.362 2.783 -2.631  
7.176  31.245 9  AA_DT9DG10:DC15DA16_BB  A 9  ? B 16 ? A 10 ? B 15 ? 
1 A DG 10 1_555 B DC 3  1_555 A DC 11 1_555 B DG 2  1_555 -1.138 0.758  3.458 -1.659 -8.294  43.362 1.821  1.352  3.305 -11.098 
2.220  44.140 10 AA_DG10DC11:DG14DC15_BB A 10 ? B 15 ? A 11 ? B 14 ? 
1 A DC 11 1_555 B DG 2  1_555 A DG 12 1_555 B DC 1  1_555 0.211  0.302  3.435 0.819  9.048   31.798 -1.101 -0.223 3.395 16.107  
-1.458 33.038 11 AA_DC11DG12:DC13DG14_BB A 11 ? B 14 ? A 12 ? B 13 ? 
# 
loop_
_pdbx_entity_nonpoly.entity_id 
_pdbx_entity_nonpoly.name 
_pdbx_entity_nonpoly.comp_id 
2 "2-(4'-AMIDINOBIPHENYL-4-YL)-1H-BENZIMIDAZOLE-5-AMIDINE" D2A 
3 'MAGNESIUM ION'                                          MG  
4 water                                                    HOH 
# 
_pdbx_initial_refinement_model.id               1 
_pdbx_initial_refinement_model.entity_id_list   ? 
_pdbx_initial_refinement_model.type             'experimental model' 
_pdbx_initial_refinement_model.source_name      PDB 
_pdbx_initial_refinement_model.accession_code   1S2R 
_pdbx_initial_refinement_model.details          'PDB ENTRY 1S2R' 
# 
